data_6HJL
#
_entry.id   6HJL
#
_cell.length_a   68.270
_cell.length_b   87.290
_cell.length_c   112.180
_cell.angle_alpha   90.00
_cell.angle_beta   96.18
_cell.angle_gamma   90.00
#
_symmetry.space_group_name_H-M   'P 1 21 1'
#
loop_
_entity.id
_entity.type
_entity.pdbx_description
1 polymer 'Bcl-2-like protein 1'
2 polymer 'Bcl-2-like protein 1'
3 polymer 'Affimer ADB13'
4 polymer 'Affimer ADB13'
5 water water
#
loop_
_entity_poly.entity_id
_entity_poly.type
_entity_poly.pdbx_seq_one_letter_code
_entity_poly.pdbx_strand_id
1 'polypeptide(L)'
;SQSNRELVVDFLSYKLSQKGYSWSQMAAVKQALREAGDEFELRYRRAFSDLTSQLHITPGTAYQSFEQVVNELFRDGVNW
GRIVAFFSFGGALCVESVDKEMQVLVSRIAAWMATYLNDHLEPWIQENGGWDTFVELYGN
;
A
2 'polypeptide(L)'
;SQSNRELVVDFLSYKLSQKGYSWSQMAAVKQALREAGDEFELRYRRAFSDLTSQLHITPGTAYQSFEQVVNELFRDGVNW
GRIVAFFSFGGALCVESVDKEMQVLVSRIAAWMATYLNDHLEPWIQENGGWDTFVELY
;
B,E,F
3 'polypeptide(L)'
;ENSLEIEELARFAVDEHNKKENALLEFVRVVKAKEQMFSWLDWEETMYYLTLEAKDGGKKKLYEAKVWVKPALLWSPHGN
FKELQEFKPV
;
C,D,H
4 'polypeptide(L)'
;SLEIEELARFAVDEHNKKENALLEFVRVVKAKEQMFSWLDWEETMYYLTLEAKDGGKKKLYEAKVWVKPALLWSPHGNFK
ELQEFKPV
;
G
#
# COMPACT_ATOMS: atom_id res chain seq x y z
N SER A 1 -8.50 10.03 -24.11
CA SER A 1 -8.15 9.86 -22.66
C SER A 1 -7.86 11.20 -21.93
N GLN A 2 -8.31 11.23 -20.67
CA GLN A 2 -7.85 12.22 -19.67
C GLN A 2 -6.32 12.11 -19.42
N SER A 3 -5.75 10.90 -19.40
CA SER A 3 -4.34 10.73 -19.02
C SER A 3 -3.34 11.38 -20.03
N ASN A 4 -3.57 11.24 -21.31
CA ASN A 4 -2.78 11.89 -22.35
C ASN A 4 -2.92 13.41 -22.28
N ARG A 5 -4.13 13.87 -22.02
CA ARG A 5 -4.31 15.28 -21.73
C ARG A 5 -3.47 15.73 -20.51
N GLU A 6 -3.39 14.92 -19.45
CA GLU A 6 -2.60 15.26 -18.29
C GLU A 6 -1.09 15.32 -18.59
N LEU A 7 -0.57 14.32 -19.34
CA LEU A 7 0.83 14.31 -19.79
C LEU A 7 1.18 15.56 -20.53
N VAL A 8 0.29 15.97 -21.40
CA VAL A 8 0.48 17.15 -22.21
C VAL A 8 0.47 18.40 -21.38
N VAL A 9 -0.49 18.55 -20.47
CA VAL A 9 -0.53 19.76 -19.66
C VAL A 9 0.74 19.89 -18.79
N ASP A 10 1.15 18.78 -18.21
CA ASP A 10 2.31 18.74 -17.40
C ASP A 10 3.57 19.02 -18.20
N PHE A 11 3.71 18.48 -19.44
CA PHE A 11 4.91 18.77 -20.23
C PHE A 11 4.97 20.24 -20.55
N LEU A 12 3.85 20.80 -21.01
CA LEU A 12 3.84 22.20 -21.41
C LEU A 12 4.05 23.16 -20.24
N SER A 13 3.56 22.82 -19.06
CA SER A 13 3.74 23.67 -17.89
C SER A 13 5.24 23.80 -17.58
N TYR A 14 5.93 22.66 -17.71
CA TYR A 14 7.35 22.59 -17.51
C TYR A 14 8.12 23.41 -18.51
N LYS A 15 7.87 23.16 -19.80
CA LYS A 15 8.57 23.89 -20.86
C LYS A 15 8.27 25.38 -20.72
N LEU A 16 7.07 25.76 -20.32
CA LEU A 16 6.81 27.18 -20.03
C LEU A 16 7.65 27.70 -18.83
N SER A 17 7.77 26.89 -17.79
CA SER A 17 8.47 27.36 -16.56
C SER A 17 9.97 27.60 -16.79
N GLN A 18 10.58 26.86 -17.73
CA GLN A 18 11.98 27.05 -18.07
C GLN A 18 12.30 28.37 -18.75
N LYS A 19 11.30 29.01 -19.38
CA LYS A 19 11.46 30.32 -20.03
C LYS A 19 10.86 31.44 -19.17
N GLY A 20 10.60 31.16 -17.90
CA GLY A 20 10.04 32.15 -17.02
C GLY A 20 8.57 32.41 -17.15
N TYR A 21 7.84 31.58 -17.89
CA TYR A 21 6.38 31.70 -18.00
C TYR A 21 5.67 30.67 -17.12
N SER A 22 4.36 30.77 -17.03
CA SER A 22 3.63 29.71 -16.40
C SER A 22 2.28 29.34 -17.07
N TRP A 23 1.94 28.06 -16.96
CA TRP A 23 0.70 27.56 -17.44
C TRP A 23 -0.50 28.25 -16.83
N SER A 24 -0.42 28.54 -15.55
CA SER A 24 -1.47 29.17 -14.82
C SER A 24 -0.93 29.74 -13.54
N GLN A 25 -1.77 30.47 -12.83
CA GLN A 25 -1.38 31.09 -11.56
C GLN A 25 -1.03 30.02 -10.53
N MET A 26 -1.67 28.82 -10.54
CA MET A 26 -1.42 27.69 -9.72
C MET A 26 -0.11 27.02 -10.07
N ALA A 27 0.21 26.89 -11.33
CA ALA A 27 1.46 26.30 -11.71
C ALA A 27 2.55 27.20 -11.24
N ALA A 28 2.26 28.47 -11.12
CA ALA A 28 3.24 29.41 -10.58
C ALA A 28 3.49 29.13 -9.10
N VAL A 29 2.41 28.99 -8.34
CA VAL A 29 2.50 28.72 -6.92
C VAL A 29 3.32 27.46 -6.69
N LYS A 30 3.06 26.43 -7.50
CA LYS A 30 3.78 25.18 -7.40
C LYS A 30 5.27 25.33 -7.66
N GLN A 31 5.60 26.19 -8.61
CA GLN A 31 6.98 26.33 -9.01
C GLN A 31 7.76 27.06 -7.90
N ALA A 32 7.18 28.13 -7.35
CA ALA A 32 7.81 28.92 -6.31
C ALA A 32 8.01 28.08 -5.08
N LEU A 33 7.07 27.19 -4.78
CA LEU A 33 7.20 26.32 -3.61
C LEU A 33 8.32 25.32 -3.81
N ARG A 34 8.40 24.75 -4.99
CA ARG A 34 9.45 23.82 -5.27
C ARG A 34 10.81 24.45 -5.11
N GLU A 35 10.95 25.66 -5.58
CA GLU A 35 12.21 26.34 -5.64
C GLU A 35 12.55 26.87 -4.24
N ALA A 36 11.58 27.43 -3.56
CA ALA A 36 11.77 27.81 -2.16
C ALA A 36 12.10 26.62 -1.27
N GLY A 37 11.50 25.47 -1.52
CA GLY A 37 11.80 24.27 -0.77
C GLY A 37 13.24 23.83 -0.93
N ASP A 38 13.72 23.78 -2.16
CA ASP A 38 15.12 23.37 -2.43
C ASP A 38 16.07 24.35 -1.74
N GLU A 39 15.74 25.63 -1.79
CA GLU A 39 16.50 26.68 -1.12
C GLU A 39 16.57 26.52 0.41
N PHE A 40 15.42 26.25 1.01
CA PHE A 40 15.32 26.02 2.43
C PHE A 40 16.19 24.86 2.84
N GLU A 41 16.03 23.72 2.18
CA GLU A 41 16.82 22.54 2.48
C GLU A 41 18.34 22.72 2.29
N LEU A 42 18.75 23.53 1.33
CA LEU A 42 20.16 23.79 1.06
C LEU A 42 20.83 24.75 2.05
N ARG A 43 20.13 25.77 2.51
CA ARG A 43 20.73 26.86 3.23
C ARG A 43 20.47 26.70 4.72
N TYR A 44 19.49 25.88 5.08
CA TYR A 44 19.27 25.56 6.45
C TYR A 44 19.37 24.03 6.66
N ARG A 45 20.36 23.36 6.01
CA ARG A 45 20.50 21.86 6.03
C ARG A 45 20.40 21.32 7.47
N ARG A 46 21.21 21.84 8.39
CA ARG A 46 21.20 21.34 9.78
C ARG A 46 19.89 21.57 10.47
N ALA A 47 19.26 22.71 10.30
CA ALA A 47 18.02 22.97 11.05
C ALA A 47 16.86 22.12 10.46
N PHE A 48 16.96 21.82 9.18
CA PHE A 48 16.03 20.89 8.52
C PHE A 48 16.35 19.45 8.95
N SER A 49 17.62 19.04 8.86
CA SER A 49 18.05 17.70 9.38
C SER A 49 17.66 17.50 10.84
N ASP A 50 17.75 18.57 11.62
CA ASP A 50 17.16 18.61 12.94
C ASP A 50 15.65 18.33 12.99
N LEU A 51 14.83 19.11 12.28
CA LEU A 51 13.33 18.99 12.37
C LEU A 51 12.75 17.62 11.92
N THR A 52 13.31 17.06 10.86
CA THR A 52 12.94 15.74 10.36
C THR A 52 12.98 14.69 11.45
N SER A 53 14.10 14.67 12.18
CA SER A 53 14.32 13.64 13.24
C SER A 53 13.40 13.76 14.46
N GLN A 54 12.46 14.70 14.45
CA GLN A 54 11.50 14.88 15.55
C GLN A 54 10.19 14.03 15.44
N LEU A 55 10.05 13.27 14.36
CA LEU A 55 8.97 12.30 14.18
C LEU A 55 9.49 11.06 13.44
N HIS A 56 9.41 9.93 14.11
CA HIS A 56 9.66 8.60 13.52
C HIS A 56 8.29 8.13 13.01
N ILE A 57 8.11 8.13 11.69
CA ILE A 57 6.85 7.72 11.05
C ILE A 57 6.71 6.20 11.02
N THR A 58 5.51 5.70 11.28
CA THR A 58 5.16 4.29 11.21
C THR A 58 3.71 4.17 10.80
N PRO A 59 3.28 2.97 10.47
CA PRO A 59 1.88 2.82 10.07
C PRO A 59 0.89 2.93 11.20
N GLY A 60 1.35 2.91 12.44
CA GLY A 60 0.52 3.28 13.55
C GLY A 60 0.44 4.77 13.87
N THR A 61 1.31 5.58 13.29
CA THR A 61 1.34 7.01 13.60
C THR A 61 0.07 7.70 13.12
N ALA A 62 -0.47 8.58 13.94
CA ALA A 62 -1.77 9.21 13.67
C ALA A 62 -1.56 10.68 13.53
N TYR A 63 -2.59 11.34 13.03
CA TYR A 63 -2.56 12.75 12.66
C TYR A 63 -2.11 13.61 13.81
N GLN A 64 -2.78 13.49 14.96
CA GLN A 64 -2.45 14.34 16.10
C GLN A 64 -0.95 14.40 16.41
N SER A 65 -0.26 13.28 16.25
CA SER A 65 1.19 13.23 16.50
C SER A 65 1.99 14.00 15.43
N PHE A 66 1.43 14.06 14.23
CA PHE A 66 1.94 14.94 13.18
C PHE A 66 1.54 16.38 13.53
N GLU A 67 0.24 16.62 13.78
CA GLU A 67 -0.28 17.95 14.25
C GLU A 67 0.59 18.56 15.33
N GLN A 68 1.04 17.77 16.30
CA GLN A 68 1.85 18.30 17.41
C GLN A 68 3.19 18.80 17.03
N VAL A 69 3.88 18.10 16.14
CA VAL A 69 5.25 18.52 15.77
C VAL A 69 5.25 19.71 14.79
N VAL A 70 4.12 19.91 14.09
CA VAL A 70 3.96 21.13 13.25
C VAL A 70 3.39 22.28 14.09
N ASN A 71 2.44 21.99 14.99
CA ASN A 71 1.94 22.99 16.00
C ASN A 71 3.14 23.64 16.70
N GLU A 72 4.17 22.85 16.94
CA GLU A 72 5.49 23.34 17.41
C GLU A 72 6.09 24.34 16.44
N LEU A 73 6.26 23.96 15.17
CA LEU A 73 6.92 24.82 14.12
C LEU A 73 6.44 26.31 13.98
N PHE A 74 5.17 26.54 14.26
CA PHE A 74 4.52 27.82 14.07
C PHE A 74 4.11 28.56 15.37
N ARG A 75 4.37 28.03 16.57
CA ARG A 75 3.73 28.60 17.78
C ARG A 75 4.18 30.02 18.10
N ASP A 76 5.42 30.39 17.77
CA ASP A 76 5.84 31.80 17.89
C ASP A 76 5.79 32.64 16.59
N GLY A 77 4.69 32.52 15.83
CA GLY A 77 4.41 33.27 14.58
C GLY A 77 4.42 32.41 13.30
N VAL A 78 3.36 32.48 12.49
CA VAL A 78 3.36 31.94 11.09
C VAL A 78 4.08 32.89 10.14
N ASN A 79 4.95 32.36 9.30
CA ASN A 79 5.38 33.11 8.15
C ASN A 79 5.62 32.23 6.91
N TRP A 80 5.91 32.86 5.78
CA TRP A 80 6.01 32.13 4.53
C TRP A 80 7.14 31.15 4.63
N GLY A 81 8.31 31.64 5.06
CA GLY A 81 9.49 30.83 5.36
C GLY A 81 9.21 29.56 6.16
N ARG A 82 8.33 29.67 7.14
CA ARG A 82 7.98 28.53 7.90
C ARG A 82 6.96 27.62 7.17
N ILE A 83 6.06 28.19 6.34
CA ILE A 83 5.17 27.33 5.53
C ILE A 83 6.03 26.48 4.57
N VAL A 84 7.06 27.06 3.98
CA VAL A 84 7.97 26.28 3.16
C VAL A 84 8.61 25.15 3.99
N ALA A 85 8.97 25.46 5.24
CA ALA A 85 9.55 24.46 6.13
C ALA A 85 8.57 23.33 6.39
N PHE A 86 7.32 23.67 6.56
CA PHE A 86 6.26 22.66 6.73
C PHE A 86 6.12 21.73 5.53
N PHE A 87 6.10 22.26 4.31
CA PHE A 87 6.09 21.45 3.08
C PHE A 87 7.30 20.53 3.05
N SER A 88 8.49 21.08 3.29
CA SER A 88 9.70 20.29 3.24
C SER A 88 9.70 19.10 4.23
N PHE A 89 9.12 19.32 5.40
CA PHE A 89 9.00 18.33 6.46
C PHE A 89 8.16 17.17 5.98
N GLY A 90 7.01 17.48 5.43
CA GLY A 90 6.18 16.48 4.78
C GLY A 90 6.89 15.71 3.68
N GLY A 91 7.66 16.42 2.90
CA GLY A 91 8.50 15.74 1.90
C GLY A 91 9.49 14.77 2.47
N ALA A 92 10.19 15.15 3.55
CA ALA A 92 11.15 14.24 4.18
C ALA A 92 10.47 13.04 4.80
N LEU A 93 9.28 13.25 5.37
CA LEU A 93 8.52 12.11 5.88
C LEU A 93 8.18 11.16 4.72
N CYS A 94 7.78 11.70 3.57
CA CYS A 94 7.41 10.81 2.45
C CYS A 94 8.60 10.06 1.95
N VAL A 95 9.72 10.72 1.86
CA VAL A 95 10.93 10.03 1.39
C VAL A 95 11.33 8.91 2.36
N GLU A 96 11.26 9.20 3.67
CA GLU A 96 11.60 8.24 4.71
C GLU A 96 10.71 7.02 4.59
N SER A 97 9.41 7.26 4.47
CA SER A 97 8.47 6.17 4.33
C SER A 97 8.86 5.27 3.16
N VAL A 98 9.11 5.84 1.99
CA VAL A 98 9.53 5.05 0.83
C VAL A 98 10.90 4.38 1.08
N ASP A 99 11.83 5.02 1.78
CA ASP A 99 13.13 4.34 2.13
C ASP A 99 12.97 3.02 2.88
N LYS A 100 11.89 2.88 3.65
CA LYS A 100 11.61 1.68 4.43
C LYS A 100 10.56 0.82 3.76
N GLU A 101 10.29 1.03 2.48
CA GLU A 101 9.28 0.24 1.77
C GLU A 101 7.90 0.37 2.42
N MET A 102 7.53 1.58 2.79
CA MET A 102 6.20 1.85 3.27
C MET A 102 5.59 2.94 2.44
N GLN A 103 5.60 2.74 1.11
CA GLN A 103 4.96 3.72 0.20
C GLN A 103 3.46 3.96 0.56
N VAL A 104 2.79 2.99 1.19
CA VAL A 104 1.39 3.20 1.61
C VAL A 104 1.16 4.41 2.51
N LEU A 105 2.18 4.83 3.26
CA LEU A 105 2.11 6.04 4.07
C LEU A 105 2.16 7.35 3.33
N VAL A 106 2.66 7.37 2.10
CA VAL A 106 2.80 8.65 1.41
C VAL A 106 1.45 9.39 1.31
N SER A 107 0.39 8.67 0.97
CA SER A 107 -0.89 9.35 0.66
C SER A 107 -1.57 9.80 1.95
N ARG A 108 -1.18 9.16 3.04
CA ARG A 108 -1.62 9.46 4.39
C ARG A 108 -0.96 10.72 4.90
N ILE A 109 0.33 10.91 4.58
CA ILE A 109 1.07 12.14 4.96
C ILE A 109 0.56 13.34 4.18
N ALA A 110 0.18 13.13 2.93
CA ALA A 110 -0.29 14.23 2.12
C ALA A 110 -1.59 14.66 2.67
N ALA A 111 -2.42 13.69 3.04
CA ALA A 111 -3.74 13.99 3.62
C ALA A 111 -3.58 14.76 4.95
N TRP A 112 -2.64 14.35 5.79
CA TRP A 112 -2.35 15.12 6.99
C TRP A 112 -1.93 16.54 6.70
N MET A 113 -1.08 16.69 5.66
CA MET A 113 -0.58 17.98 5.29
C MET A 113 -1.70 18.94 4.88
N ALA A 114 -2.68 18.41 4.18
CA ALA A 114 -3.74 19.17 3.60
C ALA A 114 -4.73 19.60 4.65
N THR A 115 -4.90 18.70 5.62
CA THR A 115 -5.70 18.94 6.81
C THR A 115 -5.07 20.07 7.60
N TYR A 116 -3.78 19.97 7.85
CA TYR A 116 -3.14 21.03 8.61
C TYR A 116 -3.15 22.44 7.93
N LEU A 117 -3.01 22.50 6.60
CA LEU A 117 -3.17 23.73 5.86
C LEU A 117 -4.59 24.27 5.98
N ASN A 118 -5.59 23.42 5.76
CA ASN A 118 -6.95 23.89 5.71
C ASN A 118 -7.49 24.29 7.09
N ASP A 119 -7.00 23.65 8.16
CA ASP A 119 -7.46 23.93 9.52
C ASP A 119 -6.68 25.08 10.20
N HIS A 120 -5.34 25.01 10.20
CA HIS A 120 -4.50 25.91 10.95
C HIS A 120 -3.79 27.03 10.18
N LEU A 121 -3.52 26.86 8.89
CA LEU A 121 -2.77 27.90 8.17
C LEU A 121 -3.60 28.73 7.22
N GLU A 122 -4.77 28.24 6.84
CA GLU A 122 -5.56 28.89 5.80
C GLU A 122 -6.02 30.32 6.20
N PRO A 123 -6.40 30.53 7.48
CA PRO A 123 -6.66 31.86 8.02
C PRO A 123 -5.52 32.83 7.80
N TRP A 124 -4.30 32.51 8.25
CA TRP A 124 -3.13 33.39 8.03
C TRP A 124 -2.78 33.58 6.54
N ILE A 125 -3.03 32.56 5.72
CA ILE A 125 -2.72 32.66 4.30
C ILE A 125 -3.64 33.67 3.66
N GLN A 126 -4.95 33.58 3.90
CA GLN A 126 -5.92 34.54 3.31
C GLN A 126 -5.77 35.98 3.85
N GLU A 127 -5.53 36.08 5.15
CA GLU A 127 -5.18 37.35 5.82
C GLU A 127 -3.88 37.99 5.24
N ASN A 128 -2.90 37.20 4.83
CA ASN A 128 -1.71 37.76 4.23
C ASN A 128 -1.67 37.78 2.68
N GLY A 129 -2.84 37.82 2.05
CA GLY A 129 -2.93 38.04 0.59
C GLY A 129 -2.96 36.79 -0.28
N GLY A 130 -2.98 35.61 0.36
CA GLY A 130 -3.02 34.35 -0.33
C GLY A 130 -1.74 33.99 -1.05
N TRP A 131 -1.77 32.84 -1.69
CA TRP A 131 -0.61 32.28 -2.37
C TRP A 131 0.04 33.14 -3.45
N ASP A 132 -0.75 34.06 -4.02
CA ASP A 132 -0.23 35.03 -5.03
C ASP A 132 0.78 35.97 -4.41
N THR A 133 0.57 36.28 -3.14
CA THR A 133 1.48 37.11 -2.38
C THR A 133 2.80 36.39 -2.13
N PHE A 134 2.75 35.09 -1.86
CA PHE A 134 3.98 34.27 -1.76
C PHE A 134 4.74 34.28 -3.07
N VAL A 135 4.04 34.14 -4.19
CA VAL A 135 4.70 34.14 -5.50
C VAL A 135 5.40 35.49 -5.74
N GLU A 136 4.77 36.58 -5.32
CA GLU A 136 5.42 37.88 -5.47
C GLU A 136 6.59 38.08 -4.48
N LEU A 137 6.43 37.64 -3.24
CA LEU A 137 7.56 37.63 -2.29
C LEU A 137 8.75 36.84 -2.85
N TYR A 138 8.53 35.62 -3.30
CA TYR A 138 9.61 34.80 -3.84
C TYR A 138 10.24 35.38 -5.12
N GLY A 139 9.53 36.24 -5.84
CA GLY A 139 10.03 36.80 -7.09
C GLY A 139 11.18 37.82 -7.02
N ASN A 140 11.32 38.56 -5.91
CA ASN A 140 12.36 39.61 -5.82
C ASN A 140 13.37 39.46 -4.66
N SER B 1 -10.58 25.42 -2.85
CA SER B 1 -10.86 24.39 -1.77
C SER B 1 -9.99 23.10 -1.88
N GLN B 2 -9.82 22.59 -3.11
CA GLN B 2 -8.78 21.61 -3.48
C GLN B 2 -7.40 22.23 -3.75
N SER B 3 -7.31 23.56 -3.74
CA SER B 3 -6.10 24.31 -3.92
C SER B 3 -4.98 23.67 -3.10
N ASN B 4 -5.16 23.56 -1.79
CA ASN B 4 -4.04 23.25 -0.91
C ASN B 4 -3.54 21.82 -1.09
N ARG B 5 -4.46 20.91 -1.35
CA ARG B 5 -4.17 19.52 -1.58
C ARG B 5 -3.37 19.39 -2.85
N GLU B 6 -3.73 20.17 -3.83
CA GLU B 6 -2.99 20.22 -5.06
C GLU B 6 -1.55 20.69 -4.87
N LEU B 7 -1.33 21.76 -4.08
CA LEU B 7 0.05 22.20 -3.79
C LEU B 7 0.82 21.06 -3.11
N VAL B 8 0.12 20.34 -2.25
CA VAL B 8 0.71 19.26 -1.48
C VAL B 8 1.17 18.11 -2.34
N VAL B 9 0.29 17.63 -3.20
CA VAL B 9 0.63 16.49 -4.04
C VAL B 9 1.73 16.90 -5.03
N ASP B 10 1.66 18.11 -5.53
CA ASP B 10 2.67 18.52 -6.45
C ASP B 10 4.08 18.59 -5.76
N PHE B 11 4.15 19.22 -4.60
CA PHE B 11 5.37 19.28 -3.80
C PHE B 11 5.90 17.89 -3.46
N LEU B 12 5.06 17.00 -2.97
CA LEU B 12 5.58 15.67 -2.59
C LEU B 12 6.01 14.86 -3.81
N SER B 13 5.29 15.03 -4.94
CA SER B 13 5.67 14.37 -6.15
C SER B 13 7.09 14.82 -6.56
N TYR B 14 7.34 16.11 -6.41
CA TYR B 14 8.68 16.62 -6.69
C TYR B 14 9.73 16.03 -5.76
N LYS B 15 9.48 16.07 -4.46
CA LYS B 15 10.47 15.66 -3.50
C LYS B 15 10.76 14.21 -3.65
N LEU B 16 9.74 13.39 -3.92
CA LEU B 16 9.99 11.96 -4.18
C LEU B 16 10.85 11.74 -5.41
N SER B 17 10.61 12.52 -6.44
CA SER B 17 11.34 12.42 -7.72
C SER B 17 12.86 12.70 -7.56
N GLN B 18 13.22 13.70 -6.76
CA GLN B 18 14.60 13.97 -6.41
C GLN B 18 15.34 12.77 -5.87
N LYS B 19 14.67 11.84 -5.23
CA LYS B 19 15.33 10.64 -4.74
C LYS B 19 15.15 9.41 -5.62
N GLY B 20 14.58 9.53 -6.84
CA GLY B 20 14.37 8.37 -7.73
C GLY B 20 13.07 7.59 -7.43
N TYR B 21 12.27 8.11 -6.52
CA TYR B 21 10.98 7.59 -6.21
C TYR B 21 9.92 8.35 -7.01
N SER B 22 8.67 7.89 -6.94
CA SER B 22 7.59 8.67 -7.54
C SER B 22 6.29 8.47 -6.79
N TRP B 23 5.43 9.46 -6.96
CA TRP B 23 4.19 9.57 -6.23
C TRP B 23 3.18 8.56 -6.79
N SER B 24 3.24 8.35 -8.09
CA SER B 24 2.36 7.43 -8.78
C SER B 24 2.98 7.04 -10.08
N GLN B 25 2.36 6.09 -10.76
CA GLN B 25 2.87 5.65 -12.05
C GLN B 25 2.84 6.74 -13.10
N MET B 26 1.81 7.58 -13.04
CA MET B 26 1.65 8.74 -13.89
C MET B 26 2.70 9.79 -13.64
N ALA B 27 3.10 9.96 -12.40
CA ALA B 27 4.12 10.93 -12.11
C ALA B 27 5.44 10.43 -12.62
N ALA B 28 5.62 9.10 -12.67
CA ALA B 28 6.86 8.53 -13.18
C ALA B 28 6.96 8.82 -14.67
N VAL B 29 5.84 8.66 -15.36
CA VAL B 29 5.73 8.91 -16.79
C VAL B 29 6.00 10.38 -17.08
N LYS B 30 5.33 11.29 -16.40
CA LYS B 30 5.63 12.71 -16.56
C LYS B 30 7.12 13.12 -16.27
N GLN B 31 7.82 12.46 -15.35
CA GLN B 31 9.20 12.81 -15.00
C GLN B 31 10.10 12.29 -16.12
N ALA B 32 9.89 11.06 -16.54
CA ALA B 32 10.64 10.50 -17.67
C ALA B 32 10.49 11.35 -18.95
N LEU B 33 9.30 11.88 -19.20
CA LEU B 33 9.04 12.70 -20.38
C LEU B 33 9.66 14.09 -20.27
N ARG B 34 9.67 14.66 -19.09
CA ARG B 34 10.34 15.92 -18.88
C ARG B 34 11.85 15.79 -19.09
N GLU B 35 12.45 14.71 -18.63
CA GLU B 35 13.89 14.55 -18.71
C GLU B 35 14.33 14.11 -20.11
N ALA B 36 13.57 13.19 -20.72
CA ALA B 36 13.79 12.80 -22.10
C ALA B 36 13.69 14.00 -23.05
N GLY B 37 12.73 14.86 -22.83
CA GLY B 37 12.56 16.07 -23.66
C GLY B 37 13.73 17.05 -23.57
N ASP B 38 14.24 17.26 -22.35
CA ASP B 38 15.38 18.15 -22.17
C ASP B 38 16.65 17.56 -22.81
N GLU B 39 16.79 16.24 -22.72
CA GLU B 39 17.92 15.53 -23.27
C GLU B 39 17.83 15.62 -24.83
N PHE B 40 16.64 15.40 -25.38
CA PHE B 40 16.39 15.57 -26.82
C PHE B 40 16.75 16.98 -27.25
N GLU B 41 16.30 17.96 -26.51
CA GLU B 41 16.60 19.33 -26.91
C GLU B 41 18.14 19.70 -26.89
N LEU B 42 18.98 18.94 -26.17
CA LEU B 42 20.42 19.23 -26.13
C LEU B 42 21.10 18.43 -27.19
N ARG B 43 20.90 17.14 -27.12
CA ARG B 43 21.55 16.16 -27.91
C ARG B 43 21.15 16.25 -29.40
N TYR B 44 20.00 16.83 -29.71
CA TYR B 44 19.52 16.94 -31.08
C TYR B 44 19.15 18.38 -31.34
N ARG B 45 19.92 19.31 -30.81
CA ARG B 45 19.61 20.75 -30.94
C ARG B 45 19.36 21.13 -32.40
N ARG B 46 20.21 20.71 -33.34
CA ARG B 46 20.02 21.12 -34.76
C ARG B 46 18.75 20.55 -35.40
N ALA B 47 18.49 19.27 -35.19
CA ALA B 47 17.24 18.62 -35.65
C ALA B 47 15.92 19.19 -35.10
N PHE B 48 15.92 19.50 -33.82
CA PHE B 48 14.79 20.14 -33.12
C PHE B 48 14.55 21.54 -33.69
N SER B 49 15.63 22.26 -33.96
CA SER B 49 15.57 23.56 -34.58
C SER B 49 14.96 23.50 -35.98
N ASP B 50 15.34 22.49 -36.73
CA ASP B 50 14.78 22.32 -38.03
C ASP B 50 13.25 22.01 -37.93
N LEU B 51 12.84 21.21 -36.96
CA LEU B 51 11.43 20.83 -36.80
C LEU B 51 10.61 22.04 -36.43
N THR B 52 11.06 22.75 -35.42
CA THR B 52 10.47 23.97 -34.93
C THR B 52 10.32 25.09 -35.94
N SER B 53 11.20 25.15 -36.93
CA SER B 53 11.12 26.16 -37.97
C SER B 53 10.00 25.87 -39.00
N GLN B 54 9.45 24.65 -39.03
CA GLN B 54 8.36 24.30 -39.91
C GLN B 54 7.00 24.95 -39.65
N LEU B 55 6.77 25.50 -38.44
CA LEU B 55 5.44 25.98 -38.09
C LEU B 55 5.49 27.02 -37.01
N HIS B 56 4.80 28.15 -37.26
CA HIS B 56 4.66 29.26 -36.31
C HIS B 56 3.16 29.43 -36.08
N ILE B 57 2.70 29.38 -34.84
CA ILE B 57 1.24 29.41 -34.57
C ILE B 57 0.80 30.86 -34.56
N THR B 58 -0.31 31.14 -35.24
CA THR B 58 -0.90 32.49 -35.25
C THR B 58 -2.37 32.28 -34.96
N PRO B 59 -3.11 33.38 -34.68
CA PRO B 59 -4.54 33.21 -34.37
C PRO B 59 -5.34 32.47 -35.47
N GLY B 60 -4.90 32.58 -36.72
CA GLY B 60 -5.56 31.88 -37.84
C GLY B 60 -5.11 30.47 -38.19
N THR B 61 -4.16 29.90 -37.46
CA THR B 61 -3.67 28.52 -37.71
C THR B 61 -4.72 27.49 -37.29
N ALA B 62 -4.94 26.47 -38.10
CA ALA B 62 -5.85 25.39 -37.72
C ALA B 62 -5.13 24.03 -37.46
N TYR B 63 -5.86 23.11 -36.81
CA TYR B 63 -5.34 21.79 -36.50
C TYR B 63 -4.61 21.17 -37.66
N GLN B 64 -5.25 21.14 -38.82
CA GLN B 64 -4.70 20.49 -40.00
C GLN B 64 -3.22 20.84 -40.27
N SER B 65 -2.84 22.11 -40.06
CA SER B 65 -1.48 22.58 -40.26
C SER B 65 -0.51 21.90 -39.29
N PHE B 66 -0.92 21.78 -38.03
CA PHE B 66 -0.17 21.06 -37.01
C PHE B 66 -0.06 19.58 -37.37
N GLU B 67 -1.18 18.97 -37.71
CA GLU B 67 -1.22 17.57 -38.09
C GLU B 67 -0.34 17.28 -39.33
N GLN B 68 -0.19 18.27 -40.18
CA GLN B 68 0.59 18.13 -41.39
C GLN B 68 2.05 17.93 -40.98
N VAL B 69 2.61 18.87 -40.22
CA VAL B 69 4.02 18.75 -39.77
C VAL B 69 4.28 17.44 -39.00
N VAL B 70 3.37 17.09 -38.11
CA VAL B 70 3.60 15.96 -37.20
C VAL B 70 3.51 14.65 -37.96
N ASN B 71 2.63 14.61 -38.97
CA ASN B 71 2.54 13.40 -39.87
C ASN B 71 3.87 13.18 -40.58
N GLU B 72 4.50 14.27 -41.03
CA GLU B 72 5.83 14.18 -41.60
C GLU B 72 6.87 13.64 -40.57
N LEU B 73 6.79 14.07 -39.31
CA LEU B 73 7.65 13.56 -38.25
C LEU B 73 7.50 12.06 -38.10
N PHE B 74 6.28 11.52 -38.24
CA PHE B 74 6.02 10.08 -38.10
C PHE B 74 5.84 9.33 -39.42
N ARG B 75 6.29 9.91 -40.54
CA ARG B 75 6.08 9.26 -41.85
C ARG B 75 6.63 7.81 -41.96
N ASP B 76 7.80 7.56 -41.38
CA ASP B 76 8.41 6.22 -41.41
C ASP B 76 7.97 5.33 -40.25
N GLY B 77 7.00 5.76 -39.46
CA GLY B 77 6.52 4.99 -38.32
C GLY B 77 6.71 5.74 -37.01
N VAL B 78 6.06 5.20 -36.00
CA VAL B 78 6.15 5.74 -34.67
C VAL B 78 7.24 5.00 -33.87
N ASN B 79 8.04 5.74 -33.10
CA ASN B 79 8.87 5.20 -32.00
C ASN B 79 8.95 6.18 -30.79
N TRP B 80 9.57 5.77 -29.69
CA TRP B 80 9.55 6.60 -28.46
C TRP B 80 10.28 7.90 -28.63
N GLY B 81 11.37 7.87 -29.39
CA GLY B 81 12.13 9.06 -29.62
C GLY B 81 11.37 10.12 -30.36
N ARG B 82 10.63 9.72 -31.38
CA ARG B 82 9.81 10.61 -32.19
C ARG B 82 8.65 11.13 -31.34
N ILE B 83 8.05 10.27 -30.55
CA ILE B 83 7.11 10.73 -29.49
C ILE B 83 7.71 11.83 -28.56
N VAL B 84 8.92 11.63 -28.09
CA VAL B 84 9.55 12.68 -27.29
C VAL B 84 9.66 13.94 -28.14
N ALA B 85 10.03 13.76 -29.44
CA ALA B 85 10.21 14.97 -30.29
C ALA B 85 8.91 15.72 -30.52
N PHE B 86 7.83 14.96 -30.67
CA PHE B 86 6.50 15.53 -30.80
C PHE B 86 6.11 16.33 -29.55
N PHE B 87 6.39 15.81 -28.37
CA PHE B 87 6.23 16.66 -27.15
C PHE B 87 7.08 17.93 -27.11
N SER B 88 8.36 17.85 -27.43
CA SER B 88 9.19 19.07 -27.42
C SER B 88 8.75 20.07 -28.43
N PHE B 89 8.29 19.55 -29.57
CA PHE B 89 7.78 20.39 -30.68
C PHE B 89 6.59 21.19 -30.21
N GLY B 90 5.62 20.50 -29.61
CA GLY B 90 4.49 21.18 -28.96
C GLY B 90 4.90 22.24 -27.95
N GLY B 91 5.84 21.84 -27.10
CA GLY B 91 6.40 22.75 -26.08
C GLY B 91 6.97 24.02 -26.66
N ALA B 92 7.71 23.86 -27.77
CA ALA B 92 8.29 24.99 -28.45
C ALA B 92 7.26 25.86 -29.11
N LEU B 93 6.30 25.27 -29.81
CA LEU B 93 5.12 26.09 -30.24
C LEU B 93 4.44 26.87 -29.12
N CYS B 94 4.20 26.26 -27.95
CA CYS B 94 3.60 27.08 -26.85
C CYS B 94 4.45 28.20 -26.42
N VAL B 95 5.72 27.87 -26.17
CA VAL B 95 6.65 28.88 -25.66
C VAL B 95 6.71 30.06 -26.67
N GLU B 96 6.86 29.76 -27.97
CA GLU B 96 6.81 30.76 -29.04
C GLU B 96 5.55 31.64 -28.95
N SER B 97 4.38 31.04 -28.66
CA SER B 97 3.11 31.77 -28.53
C SER B 97 3.14 32.72 -27.38
N VAL B 98 3.71 32.28 -26.25
CA VAL B 98 3.82 33.14 -25.08
C VAL B 98 4.84 34.24 -25.37
N ASP B 99 5.99 33.88 -25.96
CA ASP B 99 6.99 34.89 -26.35
C ASP B 99 6.31 36.14 -27.03
N LYS B 100 5.29 35.91 -27.87
CA LYS B 100 4.60 36.95 -28.62
C LYS B 100 3.39 37.59 -27.92
N GLU B 101 3.32 37.65 -26.61
CA GLU B 101 2.13 38.21 -25.88
C GLU B 101 0.72 37.68 -26.38
N MET B 102 0.70 36.43 -26.80
CA MET B 102 -0.50 35.72 -27.15
C MET B 102 -0.46 34.34 -26.41
N GLN B 103 -0.68 34.35 -25.08
CA GLN B 103 -0.80 33.10 -24.26
C GLN B 103 -2.12 32.33 -24.54
N VAL B 104 -3.20 33.04 -24.89
CA VAL B 104 -4.46 32.46 -25.38
C VAL B 104 -4.36 31.25 -26.37
N LEU B 105 -3.34 31.22 -27.25
CA LEU B 105 -3.16 30.10 -28.26
C LEU B 105 -2.57 28.85 -27.64
N VAL B 106 -2.07 28.97 -26.41
CA VAL B 106 -1.55 27.83 -25.65
C VAL B 106 -2.62 26.77 -25.53
N SER B 107 -3.88 27.17 -25.33
CA SER B 107 -4.96 26.17 -25.12
C SER B 107 -5.19 25.36 -26.40
N ARG B 108 -5.30 26.03 -27.50
CA ARG B 108 -5.33 25.42 -28.79
C ARG B 108 -4.21 24.35 -28.93
N ILE B 109 -2.96 24.68 -28.54
CA ILE B 109 -1.83 23.78 -28.84
C ILE B 109 -2.00 22.55 -27.99
N ALA B 110 -2.43 22.76 -26.73
CA ALA B 110 -2.62 21.63 -25.79
C ALA B 110 -3.71 20.66 -26.25
N ALA B 111 -4.81 21.22 -26.70
CA ALA B 111 -5.89 20.43 -27.30
C ALA B 111 -5.38 19.69 -28.52
N TRP B 112 -4.63 20.38 -29.37
CA TRP B 112 -4.14 19.72 -30.58
C TRP B 112 -3.25 18.57 -30.27
N MET B 113 -2.38 18.74 -29.27
CA MET B 113 -1.48 17.70 -28.88
C MET B 113 -2.25 16.52 -28.34
N ALA B 114 -3.20 16.80 -27.46
CA ALA B 114 -4.01 15.72 -26.88
C ALA B 114 -4.75 14.93 -27.99
N THR B 115 -5.32 15.66 -28.95
CA THR B 115 -6.07 15.04 -30.03
C THR B 115 -5.14 14.12 -30.86
N TYR B 116 -3.92 14.60 -31.15
CA TYR B 116 -2.99 13.82 -32.02
C TYR B 116 -2.55 12.58 -31.29
N LEU B 117 -2.21 12.70 -30.02
CA LEU B 117 -1.94 11.51 -29.20
C LEU B 117 -3.06 10.44 -29.26
N ASN B 118 -4.29 10.88 -28.97
CA ASN B 118 -5.42 9.97 -28.88
C ASN B 118 -5.77 9.36 -30.24
N ASP B 119 -5.81 10.14 -31.31
CA ASP B 119 -6.19 9.60 -32.63
C ASP B 119 -5.10 8.79 -33.33
N HIS B 120 -3.85 9.27 -33.37
CA HIS B 120 -2.74 8.62 -34.11
C HIS B 120 -1.74 7.77 -33.34
N LEU B 121 -1.42 8.12 -32.09
CA LEU B 121 -0.30 7.51 -31.36
C LEU B 121 -0.67 6.47 -30.33
N GLU B 122 -1.84 6.62 -29.74
CA GLU B 122 -2.27 5.72 -28.67
C GLU B 122 -2.32 4.20 -29.02
N PRO B 123 -2.74 3.81 -30.25
CA PRO B 123 -2.65 2.40 -30.64
C PRO B 123 -1.22 1.87 -30.60
N TRP B 124 -0.27 2.57 -31.22
CA TRP B 124 1.15 2.18 -31.12
C TRP B 124 1.59 2.08 -29.66
N ILE B 125 1.25 3.08 -28.86
CA ILE B 125 1.67 3.11 -27.44
C ILE B 125 1.17 1.87 -26.65
N GLN B 126 -0.13 1.53 -26.79
CA GLN B 126 -0.67 0.28 -26.19
C GLN B 126 -0.11 -0.99 -26.89
N GLU B 127 0.10 -0.96 -28.22
CA GLU B 127 0.78 -2.07 -28.89
C GLU B 127 2.14 -2.38 -28.22
N ASN B 128 2.91 -1.34 -27.92
CA ASN B 128 4.25 -1.51 -27.37
C ASN B 128 4.34 -1.43 -25.84
N GLY B 129 3.30 -1.87 -25.14
CA GLY B 129 3.35 -2.01 -23.66
C GLY B 129 2.93 -0.81 -22.82
N GLY B 130 2.53 0.28 -23.46
CA GLY B 130 2.07 1.51 -22.80
C GLY B 130 3.22 2.37 -22.30
N TRP B 131 2.87 3.48 -21.66
CA TRP B 131 3.85 4.39 -21.16
C TRP B 131 4.79 3.82 -20.09
N ASP B 132 4.47 2.71 -19.45
CA ASP B 132 5.42 2.06 -18.52
C ASP B 132 6.67 1.52 -19.22
N THR B 133 6.51 1.11 -20.48
CA THR B 133 7.65 0.67 -21.26
C THR B 133 8.58 1.87 -21.61
N PHE B 134 8.01 3.04 -21.86
CA PHE B 134 8.82 4.21 -22.04
C PHE B 134 9.70 4.44 -20.82
N VAL B 135 9.10 4.33 -19.64
CA VAL B 135 9.77 4.61 -18.36
C VAL B 135 11.00 3.71 -18.08
N GLU B 136 10.86 2.41 -18.24
CA GLU B 136 12.04 1.53 -18.18
C GLU B 136 13.10 1.88 -19.29
N LEU B 137 12.67 2.11 -20.53
CA LEU B 137 13.61 2.39 -21.64
C LEU B 137 14.39 3.64 -21.33
N TYR B 138 13.71 4.70 -20.94
CA TYR B 138 14.40 5.85 -20.40
C TYR B 138 14.93 5.51 -19.03
N GLU C 1 30.90 48.53 24.27
CA GLU C 1 30.59 48.99 22.89
C GLU C 1 29.71 47.97 22.14
N ASN C 2 29.45 48.24 20.88
CA ASN C 2 28.96 47.21 19.94
C ASN C 2 30.08 46.17 19.68
N SER C 3 31.32 46.62 19.58
CA SER C 3 32.47 45.77 19.28
C SER C 3 32.47 44.35 19.84
N LEU C 4 31.96 44.18 21.05
CA LEU C 4 31.95 42.87 21.72
C LEU C 4 31.27 41.81 20.79
N GLU C 5 30.22 42.21 20.05
CA GLU C 5 29.53 41.34 19.08
C GLU C 5 30.48 40.98 17.94
N ILE C 6 31.06 41.98 17.27
CA ILE C 6 32.00 41.73 16.17
C ILE C 6 33.18 40.80 16.59
N GLU C 7 33.70 40.94 17.82
CA GLU C 7 34.88 40.15 18.27
C GLU C 7 34.53 38.66 18.46
N GLU C 8 33.34 38.40 19.04
CA GLU C 8 32.74 37.07 19.13
C GLU C 8 32.59 36.39 17.76
N LEU C 9 32.19 37.15 16.74
CA LEU C 9 32.05 36.63 15.38
C LEU C 9 33.39 36.30 14.71
N ALA C 10 34.44 37.08 15.00
CA ALA C 10 35.77 36.72 14.46
C ALA C 10 36.38 35.52 15.21
N ARG C 11 36.11 35.43 16.50
CA ARG C 11 36.58 34.30 17.28
C ARG C 11 35.93 33.04 16.77
N PHE C 12 34.60 33.06 16.66
CA PHE C 12 33.85 31.93 16.08
C PHE C 12 34.42 31.47 14.75
N ALA C 13 34.66 32.42 13.87
CA ALA C 13 35.21 32.13 12.55
C ALA C 13 36.47 31.30 12.60
N VAL C 14 37.43 31.71 13.43
CA VAL C 14 38.69 30.97 13.67
C VAL C 14 38.41 29.57 14.29
N ASP C 15 37.67 29.53 15.36
CA ASP C 15 37.30 28.26 15.99
C ASP C 15 36.67 27.27 15.01
N GLU C 16 35.79 27.74 14.15
CA GLU C 16 35.08 26.85 13.22
C GLU C 16 36.03 26.41 12.13
N HIS C 17 36.93 27.30 11.71
CA HIS C 17 37.93 26.95 10.69
C HIS C 17 38.85 25.84 11.17
N ASN C 18 39.25 25.97 12.44
CA ASN C 18 40.10 24.99 13.10
C ASN C 18 39.39 23.63 13.17
N LYS C 19 38.11 23.63 13.50
CA LYS C 19 37.28 22.40 13.51
C LYS C 19 37.18 21.75 12.14
N LYS C 20 36.92 22.54 11.10
CA LYS C 20 36.73 22.05 9.72
C LYS C 20 38.00 21.54 9.07
N GLU C 21 39.11 22.25 9.26
CA GLU C 21 40.35 21.95 8.57
C GLU C 21 41.42 21.26 9.44
N ASN C 22 41.07 20.89 10.67
CA ASN C 22 42.01 20.40 11.66
C ASN C 22 43.20 21.35 11.82
N ALA C 23 42.92 22.62 12.06
CA ALA C 23 43.97 23.65 12.07
C ALA C 23 44.18 24.19 13.48
N LEU C 24 45.25 24.98 13.64
CA LEU C 24 45.72 25.48 14.95
C LEU C 24 45.91 26.99 14.99
N LEU C 25 45.11 27.74 14.26
CA LEU C 25 45.25 29.19 14.21
C LEU C 25 44.83 29.81 15.53
N GLU C 26 45.61 30.80 15.99
CA GLU C 26 45.31 31.51 17.23
C GLU C 26 44.84 32.92 16.90
N PHE C 27 43.59 33.22 17.27
CA PHE C 27 43.01 34.53 17.08
C PHE C 27 43.89 35.56 17.79
N VAL C 28 44.17 36.68 17.12
CA VAL C 28 44.79 37.87 17.74
C VAL C 28 43.75 38.98 17.91
N ARG C 29 43.25 39.51 16.80
CA ARG C 29 42.38 40.71 16.82
C ARG C 29 41.60 40.87 15.50
N VAL C 30 40.55 41.67 15.56
CA VAL C 30 39.78 42.09 14.39
C VAL C 30 40.46 43.34 13.81
N VAL C 31 40.82 43.29 12.52
CA VAL C 31 41.37 44.46 11.82
C VAL C 31 40.25 45.37 11.34
N LYS C 32 39.18 44.76 10.81
CA LYS C 32 38.17 45.50 10.06
C LYS C 32 36.92 44.60 9.93
N ALA C 33 35.75 45.14 10.23
CA ALA C 33 34.47 44.44 10.02
C ALA C 33 33.50 45.28 9.15
N LYS C 34 32.80 44.60 8.23
CA LYS C 34 31.67 45.18 7.46
C LYS C 34 30.43 44.27 7.59
N GLU C 35 29.27 44.89 7.73
CA GLU C 35 27.98 44.20 7.63
C GLU C 35 27.25 44.49 6.29
N GLN C 36 26.34 43.58 5.93
CA GLN C 36 25.26 43.79 4.92
C GLN C 36 23.97 43.10 5.36
N MET C 37 22.85 43.60 4.91
CA MET C 37 21.55 42.96 5.21
C MET C 37 21.15 42.09 4.01
N PHE C 38 20.56 40.93 4.31
CA PHE C 38 20.03 40.03 3.28
C PHE C 38 18.68 39.51 3.78
N SER C 39 17.84 39.06 2.85
CA SER C 39 16.53 38.49 3.20
C SER C 39 16.33 37.21 2.44
N TRP C 40 15.66 36.23 3.07
CA TRP C 40 15.14 35.05 2.36
C TRP C 40 13.68 34.85 2.68
N LEU C 41 12.84 35.03 1.64
CA LEU C 41 11.41 35.22 1.79
C LEU C 41 11.20 36.31 2.81
N ASP C 42 10.55 36.01 3.93
CA ASP C 42 10.26 36.98 4.96
C ASP C 42 11.13 36.75 6.21
N TRP C 43 12.35 36.27 6.00
CA TRP C 43 13.30 35.99 7.07
C TRP C 43 14.53 36.91 6.89
N GLU C 44 14.97 37.57 7.97
CA GLU C 44 16.16 38.44 7.88
C GLU C 44 17.44 37.68 8.28
N GLU C 45 18.45 37.81 7.43
CA GLU C 45 19.77 37.20 7.60
C GLU C 45 20.80 38.33 7.57
N THR C 46 21.92 38.17 8.28
CA THR C 46 23.01 39.15 8.22
C THR C 46 24.32 38.47 7.87
N MET C 47 25.00 38.97 6.85
CA MET C 47 26.32 38.51 6.47
C MET C 47 27.35 39.49 7.08
N TYR C 48 28.35 38.93 7.80
CA TYR C 48 29.49 39.70 8.34
C TYR C 48 30.72 39.41 7.54
N TYR C 49 31.36 40.45 7.00
CA TYR C 49 32.64 40.30 6.29
C TYR C 49 33.77 40.80 7.23
N LEU C 50 34.57 39.87 7.73
CA LEU C 50 35.59 40.19 8.70
C LEU C 50 36.97 39.97 8.08
N THR C 51 37.85 40.94 8.35
CA THR C 51 39.28 40.79 8.25
C THR C 51 39.77 40.67 9.71
N LEU C 52 40.61 39.66 9.94
CA LEU C 52 41.19 39.39 11.27
C LEU C 52 42.63 38.97 11.17
N GLU C 53 43.36 39.17 12.29
CA GLU C 53 44.76 38.72 12.49
C GLU C 53 44.78 37.42 13.28
N ALA C 54 45.50 36.41 12.80
CA ALA C 54 45.69 35.17 13.55
C ALA C 54 47.04 34.51 13.26
N LYS C 55 47.61 33.84 14.27
CA LYS C 55 48.96 33.26 14.18
C LYS C 55 48.90 31.85 13.60
N ASP C 56 49.80 31.53 12.68
CA ASP C 56 49.95 30.19 12.10
C ASP C 56 51.40 29.77 12.31
N GLY C 57 51.64 28.86 13.24
CA GLY C 57 53.01 28.56 13.66
C GLY C 57 53.67 29.79 14.29
N GLY C 58 52.88 30.54 15.07
CA GLY C 58 53.35 31.76 15.74
C GLY C 58 53.51 33.03 14.91
N LYS C 59 53.43 32.92 13.57
CA LYS C 59 53.58 34.06 12.65
C LYS C 59 52.22 34.71 12.47
N LYS C 60 52.05 35.94 12.96
CA LYS C 60 50.80 36.71 12.82
C LYS C 60 50.47 36.88 11.33
N LYS C 61 49.21 36.70 10.95
CA LYS C 61 48.78 36.76 9.55
C LYS C 61 47.35 37.27 9.41
N LEU C 62 46.99 37.64 8.18
CA LEU C 62 45.70 38.25 7.86
C LEU C 62 44.76 37.24 7.20
N TYR C 63 43.50 37.27 7.63
CA TYR C 63 42.50 36.32 7.12
C TYR C 63 41.20 37.05 6.88
N GLU C 64 40.52 36.75 5.77
CA GLU C 64 39.14 37.25 5.49
C GLU C 64 38.12 36.11 5.70
N ALA C 65 37.08 36.39 6.49
CA ALA C 65 36.09 35.40 6.87
C ALA C 65 34.72 35.95 6.61
N LYS C 66 33.78 35.12 6.16
CA LYS C 66 32.35 35.47 5.96
C LYS C 66 31.50 34.63 6.90
N VAL C 67 30.63 35.27 7.68
CA VAL C 67 29.88 34.61 8.75
C VAL C 67 28.41 35.00 8.67
N TRP C 68 27.51 34.00 8.63
CA TRP C 68 26.06 34.23 8.55
C TRP C 68 25.60 34.34 9.96
N VAL C 69 24.64 35.21 10.17
CA VAL C 69 23.79 35.13 11.33
C VAL C 69 22.37 35.01 10.79
N LYS C 70 21.81 33.82 10.94
CA LYS C 70 20.54 33.43 10.38
C LYS C 70 19.61 33.18 11.56
N PRO C 71 18.29 33.35 11.36
CA PRO C 71 17.34 33.06 12.43
C PRO C 71 17.32 31.58 12.72
N ALA C 72 16.93 31.27 13.94
CA ALA C 72 16.88 29.89 14.41
C ALA C 72 15.53 29.37 14.10
N LEU C 73 15.47 28.16 13.57
CA LEU C 73 14.21 27.54 13.19
C LEU C 73 13.39 27.11 14.40
N LEU C 74 13.86 26.13 15.19
CA LEU C 74 12.96 25.47 16.19
C LEU C 74 13.15 25.69 17.73
N TRP C 75 12.05 25.53 18.50
CA TRP C 75 11.92 25.78 20.00
C TRP C 75 12.36 27.16 20.60
N SER C 76 13.61 27.61 20.41
CA SER C 76 14.07 28.94 20.97
C SER C 76 13.48 30.24 20.27
N PRO C 77 12.51 30.93 20.92
CA PRO C 77 11.55 31.85 20.28
C PRO C 77 12.01 32.76 19.12
N HIS C 78 13.01 33.60 19.33
CA HIS C 78 13.49 34.54 18.29
C HIS C 78 15.00 34.51 18.20
N GLY C 79 15.56 33.28 18.27
CA GLY C 79 17.00 33.03 18.39
C GLY C 79 17.75 33.22 17.08
N ASN C 80 19.07 33.29 17.16
CA ASN C 80 19.92 33.24 15.99
C ASN C 80 20.84 32.03 16.07
N PHE C 81 21.65 31.85 15.04
CA PHE C 81 22.79 30.98 15.04
C PHE C 81 23.82 31.51 14.04
N LYS C 82 25.07 31.15 14.29
CA LYS C 82 26.19 31.52 13.45
C LYS C 82 26.57 30.34 12.56
N GLU C 83 27.30 30.66 11.52
CA GLU C 83 27.71 29.67 10.53
C GLU C 83 28.82 30.29 9.70
N LEU C 84 29.95 29.62 9.64
CA LEU C 84 31.05 30.12 8.87
C LEU C 84 30.77 29.82 7.41
N GLN C 85 30.51 30.86 6.60
CA GLN C 85 30.32 30.69 5.13
C GLN C 85 31.63 30.43 4.40
N GLU C 86 32.67 31.19 4.75
CA GLU C 86 33.95 31.18 4.03
C GLU C 86 35.05 31.72 4.96
N PHE C 87 36.27 31.21 4.79
CA PHE C 87 37.43 31.65 5.57
C PHE C 87 38.64 31.49 4.69
N LYS C 88 39.35 32.60 4.46
CA LYS C 88 40.53 32.58 3.59
C LYS C 88 41.61 33.55 4.05
N PRO C 89 42.88 33.22 3.77
CA PRO C 89 43.95 34.19 3.96
C PRO C 89 43.93 35.28 2.88
N VAL C 90 44.16 36.54 3.28
CA VAL C 90 44.36 37.64 2.32
C VAL C 90 45.64 37.38 1.52
N GLU D 1 31.12 1.63 -51.29
CA GLU D 1 29.91 2.41 -50.86
C GLU D 1 30.02 2.72 -49.37
N ASN D 2 30.27 1.69 -48.58
CA ASN D 2 30.67 1.83 -47.18
C ASN D 2 31.99 2.62 -47.07
N SER D 3 32.92 2.29 -47.97
CA SER D 3 34.21 2.96 -48.02
C SER D 3 34.12 4.47 -48.27
N LEU D 4 33.26 4.89 -49.19
CA LEU D 4 33.14 6.32 -49.56
C LEU D 4 32.61 7.19 -48.41
N GLU D 5 31.65 6.64 -47.67
CA GLU D 5 31.12 7.28 -46.45
C GLU D 5 32.25 7.52 -45.44
N ILE D 6 33.08 6.50 -45.21
CA ILE D 6 34.23 6.66 -44.29
C ILE D 6 35.07 7.88 -44.74
N GLU D 7 35.39 7.98 -46.03
CA GLU D 7 36.20 9.09 -46.53
C GLU D 7 35.53 10.44 -46.27
N GLU D 8 34.24 10.52 -46.56
CA GLU D 8 33.50 11.76 -46.38
C GLU D 8 33.51 12.17 -44.87
N LEU D 9 33.38 11.19 -43.98
CA LEU D 9 33.51 11.45 -42.52
C LEU D 9 34.93 11.91 -42.14
N ALA D 10 35.94 11.34 -42.81
CA ALA D 10 37.33 11.84 -42.65
C ALA D 10 37.54 13.26 -43.16
N ARG D 11 36.95 13.59 -44.31
CA ARG D 11 37.03 14.94 -44.85
C ARG D 11 36.39 15.96 -43.92
N PHE D 12 35.24 15.60 -43.34
CA PHE D 12 34.47 16.55 -42.51
C PHE D 12 35.33 16.87 -41.29
N ALA D 13 35.84 15.78 -40.70
CA ALA D 13 36.72 15.84 -39.53
C ALA D 13 37.90 16.83 -39.66
N VAL D 14 38.64 16.71 -40.76
CA VAL D 14 39.68 17.68 -41.09
C VAL D 14 39.08 19.07 -41.24
N ASP D 15 38.10 19.25 -42.14
CA ASP D 15 37.45 20.59 -42.41
C ASP D 15 36.98 21.31 -41.13
N GLU D 16 36.42 20.53 -40.19
CA GLU D 16 35.85 21.04 -38.93
C GLU D 16 36.97 21.41 -37.96
N HIS D 17 37.90 20.49 -37.76
CA HIS D 17 39.16 20.78 -37.05
C HIS D 17 39.90 22.00 -37.62
N ASN D 18 39.88 22.16 -38.94
CA ASN D 18 40.43 23.36 -39.61
C ASN D 18 39.74 24.68 -39.25
N LYS D 19 38.45 24.64 -38.87
CA LYS D 19 37.73 25.88 -38.53
C LYS D 19 37.81 26.27 -37.05
N LYS D 20 37.77 25.30 -36.13
CA LYS D 20 37.96 25.58 -34.69
C LYS D 20 39.38 26.06 -34.40
N GLU D 21 40.35 25.28 -34.87
CA GLU D 21 41.77 25.56 -34.67
C GLU D 21 42.37 26.61 -35.63
N ASN D 22 41.59 27.11 -36.58
CA ASN D 22 42.05 28.08 -37.56
C ASN D 22 43.31 27.59 -38.31
N ALA D 23 43.32 26.28 -38.59
CA ALA D 23 44.45 25.58 -39.20
C ALA D 23 44.14 25.31 -40.66
N LEU D 24 45.16 24.97 -41.43
CA LEU D 24 45.03 24.82 -42.88
C LEU D 24 45.46 23.41 -43.31
N LEU D 25 45.10 22.39 -42.54
CA LEU D 25 45.47 21.01 -42.90
C LEU D 25 44.82 20.58 -44.22
N GLU D 26 45.56 19.77 -44.98
CA GLU D 26 45.15 19.31 -46.29
C GLU D 26 44.91 17.81 -46.17
N PHE D 27 43.67 17.37 -46.37
CA PHE D 27 43.37 15.94 -46.30
C PHE D 27 44.00 15.15 -47.46
N VAL D 28 44.53 13.98 -47.14
CA VAL D 28 45.06 13.03 -48.12
C VAL D 28 44.30 11.70 -48.15
N ARG D 29 44.32 10.93 -47.07
CA ARG D 29 43.69 9.61 -47.09
C ARG D 29 43.33 9.06 -45.70
N VAL D 30 42.54 8.00 -45.73
CA VAL D 30 42.09 7.34 -44.53
C VAL D 30 42.85 6.04 -44.38
N VAL D 31 43.67 5.96 -43.35
CA VAL D 31 44.45 4.74 -43.08
C VAL D 31 43.57 3.66 -42.48
N LYS D 32 42.81 4.02 -41.45
CA LYS D 32 42.04 3.02 -40.68
C LYS D 32 40.77 3.60 -40.10
N ALA D 33 39.75 2.74 -39.98
CA ALA D 33 38.46 3.16 -39.43
C ALA D 33 37.78 2.04 -38.70
N LYS D 34 37.20 2.38 -37.56
CA LYS D 34 36.31 1.47 -36.83
C LYS D 34 35.13 2.26 -36.27
N GLU D 35 33.98 1.60 -36.20
CA GLU D 35 32.72 2.23 -35.81
C GLU D 35 32.04 1.54 -34.60
N GLN D 36 31.37 2.34 -33.76
CA GLN D 36 30.56 1.85 -32.63
C GLN D 36 29.08 2.35 -32.65
N MET D 37 28.11 1.43 -32.58
CA MET D 37 26.66 1.76 -32.49
C MET D 37 26.15 2.09 -31.04
N PHE D 38 25.82 3.35 -30.79
CA PHE D 38 25.13 3.80 -29.57
C PHE D 38 23.56 3.80 -29.74
N SER D 39 22.84 3.54 -28.65
CA SER D 39 21.39 3.81 -28.54
C SER D 39 21.13 5.14 -27.81
N TRP D 40 20.06 5.81 -28.19
CA TRP D 40 19.41 6.79 -27.35
C TRP D 40 17.91 6.43 -27.49
N LEU D 41 17.26 6.11 -26.38
CA LEU D 41 15.90 5.57 -26.38
C LEU D 41 15.93 4.46 -27.44
N ASP D 42 15.14 4.56 -28.51
CA ASP D 42 15.05 3.49 -29.49
C ASP D 42 15.60 3.96 -30.86
N TRP D 43 16.42 5.01 -30.86
CA TRP D 43 17.15 5.50 -32.00
C TRP D 43 18.61 4.94 -31.95
N GLU D 44 19.22 4.76 -33.12
CA GLU D 44 20.62 4.31 -33.24
C GLU D 44 21.52 5.43 -33.77
N GLU D 45 22.52 5.81 -32.97
CA GLU D 45 23.56 6.73 -33.38
C GLU D 45 24.91 5.94 -33.58
N THR D 46 25.87 6.56 -34.27
CA THR D 46 27.19 5.91 -34.58
C THR D 46 28.35 6.81 -34.20
N MET D 47 29.33 6.22 -33.53
CA MET D 47 30.63 6.87 -33.28
C MET D 47 31.70 6.21 -34.18
N TYR D 48 32.41 7.04 -34.96
CA TYR D 48 33.48 6.56 -35.86
C TYR D 48 34.86 6.93 -35.30
N TYR D 49 35.73 5.92 -35.18
CA TYR D 49 37.12 6.12 -34.76
C TYR D 49 37.92 6.08 -36.08
N LEU D 50 38.47 7.22 -36.49
CA LEU D 50 39.17 7.33 -37.78
C LEU D 50 40.65 7.66 -37.59
N THR D 51 41.48 7.08 -38.46
CA THR D 51 42.89 7.42 -38.55
C THR D 51 43.15 7.96 -39.96
N LEU D 52 43.68 9.18 -40.05
CA LEU D 52 43.85 9.85 -41.33
C LEU D 52 45.18 10.63 -41.48
N GLU D 53 45.81 10.51 -42.66
CA GLU D 53 46.98 11.33 -43.01
C GLU D 53 46.53 12.66 -43.58
N ALA D 54 47.17 13.75 -43.15
CA ALA D 54 46.95 15.07 -43.74
C ALA D 54 48.18 15.99 -43.64
N LYS D 55 48.33 16.88 -44.64
CA LYS D 55 49.53 17.68 -44.82
C LYS D 55 49.48 18.94 -43.94
N ASP D 56 50.24 18.91 -42.84
CA ASP D 56 50.40 20.08 -41.97
C ASP D 56 51.49 20.99 -42.55
N GLY D 57 51.08 22.02 -43.30
CA GLY D 57 52.01 22.91 -44.01
C GLY D 57 53.04 22.11 -44.80
N GLY D 58 52.56 21.21 -45.66
CA GLY D 58 53.43 20.35 -46.47
C GLY D 58 53.96 19.05 -45.87
N LYS D 59 53.85 18.86 -44.55
CA LYS D 59 54.36 17.66 -43.88
C LYS D 59 53.23 16.69 -43.47
N LYS D 60 53.43 15.41 -43.78
CA LYS D 60 52.37 14.41 -43.87
C LYS D 60 52.22 13.54 -42.61
N LYS D 61 51.55 14.09 -41.61
CA LYS D 61 51.46 13.45 -40.29
C LYS D 61 50.12 12.72 -40.08
N LEU D 62 50.18 11.64 -39.30
CA LEU D 62 48.99 10.85 -38.94
C LEU D 62 48.15 11.55 -37.86
N TYR D 63 46.83 11.32 -37.93
CA TYR D 63 45.87 11.85 -36.95
C TYR D 63 44.82 10.82 -36.54
N GLU D 64 44.30 10.96 -35.32
CA GLU D 64 43.11 10.21 -34.88
C GLU D 64 41.93 11.17 -34.76
N ALA D 65 40.78 10.75 -35.30
CA ALA D 65 39.53 11.53 -35.17
C ALA D 65 38.40 10.67 -34.64
N LYS D 66 37.55 11.29 -33.84
CA LYS D 66 36.28 10.71 -33.42
C LYS D 66 35.18 11.62 -33.99
N VAL D 67 34.31 11.02 -34.80
CA VAL D 67 33.12 11.70 -35.33
C VAL D 67 31.85 11.00 -34.80
N TRP D 68 30.92 11.83 -34.36
CA TRP D 68 29.67 11.37 -33.79
C TRP D 68 28.58 11.65 -34.82
N VAL D 69 27.93 10.61 -35.33
CA VAL D 69 26.80 10.75 -36.31
C VAL D 69 25.41 10.31 -35.73
N LYS D 70 24.48 11.25 -35.74
CA LYS D 70 23.14 11.07 -35.18
C LYS D 70 22.12 11.04 -36.33
N PRO D 71 21.13 10.12 -36.28
CA PRO D 71 20.11 10.03 -37.35
C PRO D 71 19.30 11.32 -37.48
N ALA D 72 19.05 11.70 -38.72
CA ALA D 72 18.25 12.86 -39.00
C ALA D 72 16.82 12.67 -38.50
N LEU D 73 16.12 13.79 -38.38
CA LEU D 73 14.77 13.82 -37.88
C LEU D 73 13.86 14.03 -39.11
N LEU D 74 13.52 15.26 -39.46
CA LEU D 74 12.89 15.57 -40.74
C LEU D 74 13.90 15.33 -41.85
N TRP D 75 13.46 14.92 -43.06
CA TRP D 75 14.42 14.67 -44.16
C TRP D 75 15.34 15.88 -44.38
N SER D 76 16.63 15.64 -44.58
CA SER D 76 17.61 16.70 -44.96
C SER D 76 18.42 16.27 -46.22
N PRO D 77 18.70 17.21 -47.18
CA PRO D 77 19.69 16.96 -48.26
C PRO D 77 21.06 16.52 -47.73
N HIS D 78 21.43 17.00 -46.52
CA HIS D 78 22.67 16.67 -45.80
C HIS D 78 22.75 15.30 -45.11
N GLY D 79 21.66 14.54 -45.09
CA GLY D 79 21.67 13.21 -44.49
C GLY D 79 21.64 13.34 -42.98
N ASN D 80 22.66 12.83 -42.33
CA ASN D 80 22.68 12.75 -40.88
C ASN D 80 23.43 13.92 -40.34
N PHE D 81 23.37 14.05 -39.02
CA PHE D 81 24.13 15.09 -38.31
C PHE D 81 25.52 14.58 -37.91
N LYS D 82 26.55 15.39 -38.17
CA LYS D 82 27.92 15.00 -37.89
C LYS D 82 28.43 15.96 -36.85
N GLU D 83 29.20 15.46 -35.90
CA GLU D 83 29.82 16.33 -34.91
C GLU D 83 31.24 15.82 -34.62
N LEU D 84 32.20 16.73 -34.69
CA LEU D 84 33.59 16.34 -34.38
C LEU D 84 33.83 16.21 -32.84
N GLN D 85 34.10 15.01 -32.35
CA GLN D 85 34.44 14.79 -30.91
C GLN D 85 35.89 15.15 -30.50
N GLU D 86 36.87 14.47 -31.07
CA GLU D 86 38.26 14.87 -30.89
C GLU D 86 39.08 14.72 -32.17
N PHE D 87 40.09 15.58 -32.30
CA PHE D 87 41.08 15.58 -33.38
C PHE D 87 42.49 15.88 -32.81
N LYS D 88 43.34 14.86 -32.78
CA LYS D 88 44.68 14.95 -32.19
C LYS D 88 45.72 14.12 -32.99
N PRO D 89 47.01 14.54 -33.00
CA PRO D 89 48.05 13.73 -33.65
C PRO D 89 48.34 12.40 -32.96
N VAL D 90 48.77 11.37 -33.69
CA VAL D 90 49.29 10.14 -33.07
C VAL D 90 50.64 10.43 -32.36
N GLN E 2 -15.55 -15.41 40.42
CA GLN E 2 -14.18 -15.61 39.81
C GLN E 2 -14.25 -16.26 38.39
N SER E 3 -14.35 -17.60 38.36
CA SER E 3 -14.59 -18.28 37.10
C SER E 3 -15.91 -17.93 36.41
N ASN E 4 -16.97 -17.55 37.15
CA ASN E 4 -18.24 -17.19 36.47
C ASN E 4 -18.10 -15.93 35.59
N ARG E 5 -17.28 -14.97 36.03
CA ARG E 5 -17.03 -13.76 35.25
C ARG E 5 -16.29 -14.12 33.94
N GLU E 6 -15.21 -14.90 34.05
CA GLU E 6 -14.49 -15.43 32.88
C GLU E 6 -15.40 -16.08 31.85
N LEU E 7 -16.34 -16.90 32.28
CA LEU E 7 -17.26 -17.49 31.29
C LEU E 7 -18.16 -16.43 30.64
N VAL E 8 -18.51 -15.38 31.38
CA VAL E 8 -19.34 -14.31 30.85
C VAL E 8 -18.56 -13.58 29.75
N VAL E 9 -17.35 -13.14 30.12
CA VAL E 9 -16.53 -12.28 29.26
C VAL E 9 -16.17 -13.01 27.95
N ASP E 10 -15.82 -14.27 28.06
CA ASP E 10 -15.69 -15.14 26.88
C ASP E 10 -16.94 -15.24 26.01
N PHE E 11 -18.09 -15.42 26.62
CA PHE E 11 -19.33 -15.60 25.87
C PHE E 11 -19.69 -14.32 25.14
N LEU E 12 -19.56 -13.18 25.83
CA LEU E 12 -19.95 -11.89 25.25
C LEU E 12 -18.98 -11.52 24.12
N SER E 13 -17.71 -11.88 24.32
CA SER E 13 -16.66 -11.66 23.33
C SER E 13 -16.98 -12.36 22.03
N TYR E 14 -17.46 -13.57 22.16
CA TYR E 14 -17.82 -14.37 21.00
C TYR E 14 -18.98 -13.75 20.33
N LYS E 15 -19.99 -13.34 21.12
CA LYS E 15 -21.27 -12.91 20.53
C LYS E 15 -21.10 -11.58 19.82
N LEU E 16 -20.36 -10.66 20.45
CA LEU E 16 -19.95 -9.44 19.77
C LEU E 16 -19.23 -9.72 18.45
N SER E 17 -18.24 -10.62 18.47
CA SER E 17 -17.42 -10.91 17.26
C SER E 17 -18.24 -11.48 16.10
N GLN E 18 -19.32 -12.20 16.40
CA GLN E 18 -20.19 -12.78 15.39
C GLN E 18 -20.90 -11.69 14.57
N LYS E 19 -21.17 -10.55 15.21
CA LYS E 19 -21.88 -9.42 14.60
C LYS E 19 -20.91 -8.28 14.23
N GLY E 20 -19.62 -8.60 14.05
CA GLY E 20 -18.64 -7.63 13.61
C GLY E 20 -18.04 -6.74 14.69
N TYR E 21 -18.38 -6.95 15.96
CA TYR E 21 -17.90 -6.07 17.04
C TYR E 21 -16.80 -6.75 17.84
N SER E 22 -16.27 -6.07 18.85
CA SER E 22 -15.36 -6.74 19.74
C SER E 22 -15.42 -6.24 21.17
N TRP E 23 -15.13 -7.16 22.08
CA TRP E 23 -15.17 -6.87 23.51
C TRP E 23 -14.11 -5.83 23.88
N SER E 24 -12.95 -5.94 23.26
CA SER E 24 -11.82 -5.06 23.47
C SER E 24 -10.93 -5.05 22.28
N GLN E 25 -9.83 -4.32 22.34
CA GLN E 25 -8.94 -4.28 21.22
C GLN E 25 -8.12 -5.52 21.13
N MET E 26 -7.89 -6.20 22.25
CA MET E 26 -7.16 -7.45 22.31
C MET E 26 -8.02 -8.54 21.76
N ALA E 27 -9.30 -8.42 21.96
CA ALA E 27 -10.21 -9.41 21.45
C ALA E 27 -10.27 -9.34 19.95
N ALA E 28 -10.08 -8.15 19.40
CA ALA E 28 -10.11 -7.96 17.98
C ALA E 28 -8.86 -8.53 17.36
N VAL E 29 -7.74 -8.42 18.07
CA VAL E 29 -6.46 -8.99 17.63
C VAL E 29 -6.52 -10.50 17.57
N LYS E 30 -6.95 -11.12 18.66
CA LYS E 30 -7.16 -12.56 18.70
C LYS E 30 -8.09 -13.08 17.65
N GLN E 31 -9.19 -12.37 17.42
CA GLN E 31 -10.18 -12.75 16.40
C GLN E 31 -9.56 -12.73 14.98
N ALA E 32 -8.83 -11.65 14.71
CA ALA E 32 -8.18 -11.50 13.40
C ALA E 32 -7.08 -12.56 13.20
N LEU E 33 -6.36 -12.89 14.28
CA LEU E 33 -5.33 -13.94 14.23
C LEU E 33 -5.95 -15.34 14.02
N ARG E 34 -7.05 -15.63 14.69
CA ARG E 34 -7.74 -16.92 14.44
C ARG E 34 -8.19 -17.09 13.00
N GLU E 35 -8.82 -16.06 12.45
CA GLU E 35 -9.40 -16.14 11.12
C GLU E 35 -8.32 -16.16 10.05
N ALA E 36 -7.27 -15.37 10.26
CA ALA E 36 -6.13 -15.38 9.37
C ALA E 36 -5.44 -16.74 9.34
N GLY E 37 -5.28 -17.38 10.50
CA GLY E 37 -4.70 -18.74 10.60
C GLY E 37 -5.52 -19.78 9.85
N ASP E 38 -6.84 -19.76 10.03
CA ASP E 38 -7.72 -20.65 9.26
C ASP E 38 -7.52 -20.49 7.75
N GLU E 39 -7.54 -19.24 7.32
CA GLU E 39 -7.36 -18.86 5.92
C GLU E 39 -6.00 -19.35 5.36
N PHE E 40 -4.92 -19.06 6.11
CA PHE E 40 -3.59 -19.48 5.79
C PHE E 40 -3.45 -20.97 5.62
N GLU E 41 -4.06 -21.74 6.51
CA GLU E 41 -3.96 -23.20 6.42
C GLU E 41 -4.72 -23.78 5.23
N LEU E 42 -5.83 -23.17 4.84
CA LEU E 42 -6.60 -23.59 3.65
C LEU E 42 -5.89 -23.18 2.36
N ARG E 43 -5.54 -21.91 2.28
CA ARG E 43 -4.99 -21.28 1.08
C ARG E 43 -3.52 -21.70 0.74
N TYR E 44 -2.71 -21.96 1.77
CA TYR E 44 -1.32 -22.31 1.60
C TYR E 44 -1.15 -23.70 2.19
N ARG E 45 -2.06 -24.61 1.87
CA ARG E 45 -2.05 -25.93 2.46
C ARG E 45 -0.73 -26.63 2.18
N ARG E 46 -0.21 -26.56 0.98
CA ARG E 46 1.00 -27.30 0.66
C ARG E 46 2.18 -26.72 1.38
N ALA E 47 2.29 -25.39 1.41
CA ALA E 47 3.37 -24.74 2.16
C ALA E 47 3.32 -25.00 3.66
N PHE E 48 2.10 -25.15 4.18
CA PHE E 48 1.88 -25.36 5.61
C PHE E 48 2.33 -26.76 6.04
N SER E 49 2.02 -27.76 5.22
CA SER E 49 2.49 -29.13 5.44
C SER E 49 4.03 -29.21 5.35
N ASP E 50 4.65 -28.57 4.35
CA ASP E 50 6.11 -28.56 4.26
C ASP E 50 6.69 -27.89 5.51
N LEU E 51 6.06 -26.85 6.02
CA LEU E 51 6.53 -26.22 7.25
C LEU E 51 6.44 -27.16 8.46
N THR E 52 5.31 -27.85 8.61
CA THR E 52 5.06 -28.63 9.81
C THR E 52 5.85 -29.92 9.79
N SER E 53 6.13 -30.47 8.61
CA SER E 53 6.93 -31.70 8.52
C SER E 53 8.43 -31.48 8.91
N GLN E 54 8.84 -30.23 9.08
CA GLN E 54 10.17 -29.91 9.59
C GLN E 54 10.48 -30.27 11.03
N LEU E 55 9.48 -30.54 11.85
CA LEU E 55 9.72 -30.63 13.27
C LEU E 55 8.60 -31.39 13.96
N HIS E 56 8.99 -32.39 14.74
CA HIS E 56 8.04 -33.21 15.49
C HIS E 56 8.45 -33.22 16.99
N ILE E 57 7.75 -32.41 17.79
CA ILE E 57 7.95 -32.33 19.24
C ILE E 57 7.86 -33.71 19.96
N THR E 58 8.90 -34.03 20.73
CA THR E 58 8.98 -35.24 21.57
C THR E 58 9.37 -34.77 22.98
N PRO E 59 9.36 -35.68 23.98
CA PRO E 59 9.74 -35.15 25.33
C PRO E 59 11.20 -34.70 25.42
N GLY E 60 12.04 -35.21 24.52
CA GLY E 60 13.43 -34.79 24.39
C GLY E 60 13.72 -33.46 23.72
N THR E 61 12.80 -33.00 22.86
CA THR E 61 12.99 -31.76 22.07
C THR E 61 13.26 -30.49 22.89
N ALA E 62 14.26 -29.69 22.50
CA ALA E 62 14.59 -28.43 23.19
C ALA E 62 14.10 -27.20 22.41
N TYR E 63 14.14 -26.05 23.08
CA TYR E 63 13.80 -24.78 22.44
C TYR E 63 14.63 -24.44 21.19
N GLN E 64 15.92 -24.79 21.19
CA GLN E 64 16.82 -24.47 20.09
C GLN E 64 16.41 -25.13 18.74
N SER E 65 15.82 -26.33 18.78
CA SER E 65 15.23 -26.98 17.60
C SER E 65 14.04 -26.19 17.05
N PHE E 66 13.21 -25.70 17.95
CA PHE E 66 12.04 -24.93 17.54
C PHE E 66 12.50 -23.59 16.93
N GLU E 67 13.43 -22.93 17.61
CA GLU E 67 13.94 -21.62 17.22
C GLU E 67 14.61 -21.70 15.85
N GLN E 68 15.31 -22.79 15.61
CA GLN E 68 16.06 -22.97 14.38
C GLN E 68 15.09 -23.12 13.17
N VAL E 69 13.98 -23.86 13.33
CA VAL E 69 13.01 -24.01 12.25
C VAL E 69 12.33 -22.67 11.98
N VAL E 70 11.93 -22.00 13.06
CA VAL E 70 11.31 -20.66 12.96
C VAL E 70 12.24 -19.52 12.41
N ASN E 71 13.53 -19.58 12.71
CA ASN E 71 14.48 -18.57 12.16
C ASN E 71 14.58 -18.69 10.64
N GLU E 72 14.42 -19.91 10.12
CA GLU E 72 14.44 -20.17 8.68
C GLU E 72 13.18 -19.56 8.02
N LEU E 73 12.00 -19.83 8.61
CA LEU E 73 10.74 -19.20 8.22
C LEU E 73 10.89 -17.68 8.05
N PHE E 74 11.60 -17.04 8.96
CA PHE E 74 11.86 -15.63 8.92
C PHE E 74 13.17 -15.26 8.28
N ARG E 75 13.86 -16.20 7.58
CA ARG E 75 15.24 -15.93 7.03
C ARG E 75 15.32 -14.68 6.15
N ASP E 76 14.30 -14.40 5.36
CA ASP E 76 14.28 -13.20 4.50
C ASP E 76 13.58 -11.96 5.10
N GLY E 77 13.27 -12.00 6.41
CA GLY E 77 12.61 -10.91 7.08
C GLY E 77 11.24 -11.31 7.61
N VAL E 78 10.76 -10.45 8.50
CA VAL E 78 9.47 -10.57 9.11
C VAL E 78 8.40 -9.89 8.22
N ASN E 79 7.26 -10.53 8.08
CA ASN E 79 6.04 -9.82 7.68
C ASN E 79 4.81 -10.46 8.35
N TRP E 80 3.64 -9.84 8.17
CA TRP E 80 2.47 -10.30 8.86
C TRP E 80 2.07 -11.69 8.45
N GLY E 81 2.17 -12.02 7.18
CA GLY E 81 1.75 -13.36 6.75
C GLY E 81 2.64 -14.46 7.35
N ARG E 82 3.93 -14.19 7.50
CA ARG E 82 4.85 -15.14 8.05
C ARG E 82 4.61 -15.25 9.54
N ILE E 83 4.23 -14.16 10.17
CA ILE E 83 3.79 -14.19 11.58
C ILE E 83 2.56 -15.10 11.74
N VAL E 84 1.59 -14.96 10.85
CA VAL E 84 0.47 -15.89 10.87
C VAL E 84 1.00 -17.33 10.73
N ALA E 85 1.90 -17.57 9.79
CA ALA E 85 2.45 -18.91 9.54
C ALA E 85 3.12 -19.50 10.79
N PHE E 86 3.91 -18.70 11.49
CA PHE E 86 4.42 -19.04 12.81
C PHE E 86 3.33 -19.48 13.83
N PHE E 87 2.24 -18.69 13.97
CA PHE E 87 1.17 -19.11 14.88
C PHE E 87 0.57 -20.43 14.44
N SER E 88 0.35 -20.62 13.13
CA SER E 88 -0.33 -21.85 12.63
C SER E 88 0.54 -23.06 12.88
N PHE E 89 1.85 -22.82 12.80
CA PHE E 89 2.89 -23.81 13.00
C PHE E 89 2.88 -24.29 14.45
N GLY E 90 3.04 -23.37 15.41
CA GLY E 90 2.79 -23.64 16.86
C GLY E 90 1.54 -24.49 17.05
N GLY E 91 0.48 -24.10 16.38
CA GLY E 91 -0.77 -24.79 16.54
C GLY E 91 -0.75 -26.22 16.07
N ALA E 92 -0.10 -26.43 14.94
CA ALA E 92 0.03 -27.79 14.41
C ALA E 92 0.87 -28.67 15.36
N LEU E 93 1.98 -28.14 15.90
CA LEU E 93 2.80 -28.85 16.91
C LEU E 93 2.00 -29.31 18.13
N CYS E 94 1.20 -28.41 18.70
CA CYS E 94 0.30 -28.75 19.83
C CYS E 94 -0.75 -29.80 19.46
N VAL E 95 -1.46 -29.59 18.36
CA VAL E 95 -2.36 -30.62 17.84
C VAL E 95 -1.65 -31.99 17.68
N GLU E 96 -0.45 -31.99 17.10
CA GLU E 96 0.35 -33.20 16.94
C GLU E 96 0.58 -33.90 18.31
N SER E 97 0.96 -33.13 19.33
CA SER E 97 1.17 -33.64 20.69
C SER E 97 -0.09 -34.32 21.27
N VAL E 98 -1.24 -33.66 21.14
CA VAL E 98 -2.49 -34.22 21.67
C VAL E 98 -2.88 -35.50 20.88
N ASP E 99 -2.74 -35.49 19.54
CA ASP E 99 -3.02 -36.68 18.67
C ASP E 99 -2.33 -37.99 19.15
N LYS E 100 -1.09 -37.87 19.64
CA LYS E 100 -0.31 -39.00 20.17
C LYS E 100 -0.31 -39.03 21.72
N GLU E 101 -1.38 -38.53 22.34
CA GLU E 101 -1.60 -38.59 23.80
C GLU E 101 -0.45 -38.05 24.66
N MET E 102 0.11 -36.93 24.21
CA MET E 102 1.15 -36.21 24.94
C MET E 102 0.81 -34.73 25.11
N GLN E 103 -0.34 -34.44 25.74
CA GLN E 103 -0.80 -33.05 26.00
C GLN E 103 0.04 -32.23 27.01
N VAL E 104 0.87 -32.88 27.82
CA VAL E 104 1.87 -32.17 28.65
C VAL E 104 2.87 -31.28 27.87
N LEU E 105 3.14 -31.63 26.60
CA LEU E 105 4.11 -30.87 25.77
C LEU E 105 3.59 -29.49 25.30
N VAL E 106 2.26 -29.34 25.30
CA VAL E 106 1.56 -28.12 24.86
C VAL E 106 2.06 -26.90 25.63
N SER E 107 2.31 -27.07 26.90
CA SER E 107 2.73 -25.96 27.72
C SER E 107 4.08 -25.47 27.28
N ARG E 108 4.99 -26.41 26.99
CA ARG E 108 6.35 -26.10 26.47
C ARG E 108 6.22 -25.29 25.19
N ILE E 109 5.34 -25.73 24.29
CA ILE E 109 5.19 -25.10 22.97
C ILE E 109 4.68 -23.66 23.12
N ALA E 110 3.75 -23.44 24.04
CA ALA E 110 3.16 -22.09 24.23
C ALA E 110 4.19 -21.13 24.78
N ALA E 111 5.03 -21.64 25.65
CA ALA E 111 6.07 -20.80 26.27
C ALA E 111 7.14 -20.49 25.25
N TRP E 112 7.46 -21.48 24.42
CA TRP E 112 8.42 -21.24 23.32
C TRP E 112 7.93 -20.16 22.31
N MET E 113 6.66 -20.26 21.90
CA MET E 113 6.11 -19.30 20.92
C MET E 113 6.18 -17.90 21.54
N ALA E 114 5.77 -17.80 22.80
CA ALA E 114 5.80 -16.54 23.53
C ALA E 114 7.20 -15.99 23.68
N THR E 115 8.15 -16.83 24.04
CA THR E 115 9.55 -16.37 24.08
C THR E 115 10.06 -15.85 22.70
N TYR E 116 9.73 -16.56 21.63
CA TYR E 116 10.18 -16.14 20.31
C TYR E 116 9.56 -14.80 19.94
N LEU E 117 8.24 -14.64 20.16
CA LEU E 117 7.56 -13.35 19.82
C LEU E 117 8.23 -12.22 20.55
N ASN E 118 8.40 -12.41 21.86
CA ASN E 118 9.05 -11.42 22.73
C ASN E 118 10.52 -11.10 22.38
N ASP E 119 11.35 -12.11 22.13
CA ASP E 119 12.76 -11.86 21.82
C ASP E 119 13.02 -11.41 20.34
N HIS E 120 12.33 -12.02 19.35
CA HIS E 120 12.59 -11.80 17.89
C HIS E 120 11.61 -10.92 17.10
N LEU E 121 10.32 -11.02 17.40
CA LEU E 121 9.28 -10.39 16.60
C LEU E 121 8.80 -9.06 17.08
N GLU E 122 8.89 -8.78 18.37
CA GLU E 122 8.23 -7.62 18.93
C GLU E 122 8.77 -6.27 18.44
N PRO E 123 10.10 -6.10 18.28
CA PRO E 123 10.51 -4.77 17.69
C PRO E 123 9.93 -4.48 16.25
N TRP E 124 9.84 -5.51 15.41
CA TRP E 124 9.27 -5.35 14.09
C TRP E 124 7.78 -5.00 14.21
N ILE E 125 7.08 -5.70 15.07
CA ILE E 125 5.65 -5.49 15.28
C ILE E 125 5.39 -4.02 15.62
N GLN E 126 6.19 -3.45 16.52
CA GLN E 126 6.03 -2.05 16.86
C GLN E 126 6.41 -1.12 15.73
N GLU E 127 7.52 -1.42 15.09
CA GLU E 127 7.95 -0.64 13.93
C GLU E 127 6.93 -0.63 12.79
N ASN E 128 6.13 -1.69 12.66
CA ASN E 128 5.17 -1.79 11.59
C ASN E 128 3.71 -1.54 12.04
N GLY E 129 3.53 -0.78 13.13
CA GLY E 129 2.21 -0.30 13.57
C GLY E 129 1.49 -1.09 14.62
N GLY E 130 2.11 -2.15 15.11
CA GLY E 130 1.58 -2.97 16.22
C GLY E 130 0.44 -3.84 15.77
N TRP E 131 -0.09 -4.66 16.66
CA TRP E 131 -1.17 -5.58 16.30
C TRP E 131 -2.43 -4.84 15.79
N ASP E 132 -2.58 -3.57 16.18
CA ASP E 132 -3.71 -2.77 15.73
C ASP E 132 -3.74 -2.74 14.20
N THR E 133 -2.58 -2.46 13.61
CA THR E 133 -2.45 -2.41 12.16
C THR E 133 -2.65 -3.76 11.47
N PHE E 134 -2.28 -4.86 12.12
CA PHE E 134 -2.57 -6.18 11.56
C PHE E 134 -4.08 -6.36 11.41
N VAL E 135 -4.83 -5.93 12.42
CA VAL E 135 -6.30 -5.89 12.37
C VAL E 135 -6.86 -5.01 11.24
N GLU E 136 -6.32 -3.79 11.07
CA GLU E 136 -6.64 -2.92 9.92
C GLU E 136 -6.29 -3.62 8.60
N LEU E 137 -5.18 -4.36 8.57
CA LEU E 137 -4.80 -5.08 7.33
C LEU E 137 -5.67 -6.27 7.02
N TYR E 138 -5.99 -7.09 8.02
CA TYR E 138 -6.85 -8.23 7.78
C TYR E 138 -8.31 -7.82 7.51
N GLN F 2 2.66 -9.75 29.01
CA GLN F 2 1.44 -10.64 29.08
C GLN F 2 0.65 -10.68 27.73
N SER F 3 0.67 -9.60 26.93
CA SER F 3 -0.13 -9.60 25.68
C SER F 3 0.28 -10.63 24.59
N ASN F 4 1.57 -10.84 24.33
CA ASN F 4 1.93 -11.81 23.27
C ASN F 4 1.57 -13.21 23.77
N ARG F 5 1.82 -13.45 25.07
CA ARG F 5 1.44 -14.72 25.70
C ARG F 5 -0.04 -14.99 25.57
N GLU F 6 -0.84 -13.95 25.79
CA GLU F 6 -2.30 -14.05 25.75
C GLU F 6 -2.70 -14.46 24.33
N LEU F 7 -2.06 -13.84 23.34
CA LEU F 7 -2.34 -14.14 21.95
C LEU F 7 -2.10 -15.59 21.66
N VAL F 8 -0.94 -16.09 22.11
CA VAL F 8 -0.55 -17.48 21.95
C VAL F 8 -1.52 -18.44 22.58
N VAL F 9 -1.82 -18.18 23.87
CA VAL F 9 -2.81 -19.03 24.57
C VAL F 9 -4.15 -19.03 23.89
N ASP F 10 -4.63 -17.84 23.49
CA ASP F 10 -5.90 -17.81 22.74
C ASP F 10 -5.84 -18.59 21.42
N PHE F 11 -4.77 -18.38 20.64
CA PHE F 11 -4.65 -19.07 19.35
C PHE F 11 -4.58 -20.60 19.54
N LEU F 12 -3.71 -21.04 20.46
CA LEU F 12 -3.57 -22.51 20.69
C LEU F 12 -4.85 -23.18 21.17
N SER F 13 -5.54 -22.49 22.08
CA SER F 13 -6.82 -22.98 22.55
C SER F 13 -7.74 -23.22 21.39
N TYR F 14 -7.77 -22.21 20.51
CA TYR F 14 -8.63 -22.27 19.33
C TYR F 14 -8.26 -23.44 18.45
N LYS F 15 -6.95 -23.62 18.21
CA LYS F 15 -6.48 -24.71 17.35
C LYS F 15 -6.79 -26.10 17.93
N LEU F 16 -6.57 -26.26 19.24
CA LEU F 16 -6.96 -27.50 19.94
C LEU F 16 -8.46 -27.76 19.80
N SER F 17 -9.26 -26.71 20.00
CA SER F 17 -10.72 -26.83 19.97
C SER F 17 -11.22 -27.39 18.66
N GLN F 18 -10.60 -26.98 17.55
CA GLN F 18 -11.00 -27.48 16.22
C GLN F 18 -10.82 -28.98 16.03
N LYS F 19 -9.89 -29.60 16.75
CA LYS F 19 -9.65 -31.04 16.60
C LYS F 19 -10.42 -31.88 17.66
N GLY F 20 -11.43 -31.28 18.31
CA GLY F 20 -12.09 -31.95 19.43
C GLY F 20 -11.31 -32.05 20.74
N TYR F 21 -10.16 -31.40 20.85
CA TYR F 21 -9.39 -31.34 22.13
C TYR F 21 -9.64 -29.99 22.79
N SER F 22 -8.95 -29.71 23.90
CA SER F 22 -9.04 -28.44 24.57
C SER F 22 -7.86 -28.14 25.54
N TRP F 23 -7.54 -26.87 25.64
CA TRP F 23 -6.41 -26.35 26.39
C TRP F 23 -6.50 -26.58 27.88
N SER F 24 -7.71 -26.47 28.38
CA SER F 24 -7.98 -26.63 29.78
C SER F 24 -9.42 -26.97 29.96
N GLN F 25 -9.76 -27.29 31.19
CA GLN F 25 -11.12 -27.65 31.53
C GLN F 25 -12.02 -26.46 31.39
N MET F 26 -11.51 -25.27 31.74
CA MET F 26 -12.20 -23.99 31.62
C MET F 26 -12.45 -23.59 30.16
N ALA F 27 -11.59 -24.05 29.27
CA ALA F 27 -11.76 -23.81 27.88
C ALA F 27 -12.85 -24.74 27.35
N ALA F 28 -12.94 -25.94 27.88
CA ALA F 28 -13.98 -26.88 27.39
C ALA F 28 -15.38 -26.35 27.70
N VAL F 29 -15.47 -25.61 28.79
CA VAL F 29 -16.70 -25.04 29.26
C VAL F 29 -17.06 -23.89 28.35
N LYS F 30 -16.08 -23.00 28.13
CA LYS F 30 -16.21 -21.88 27.16
C LYS F 30 -16.66 -22.34 25.78
N GLN F 31 -16.09 -23.45 25.34
CA GLN F 31 -16.41 -24.03 24.04
C GLN F 31 -17.86 -24.50 24.00
N ALA F 32 -18.24 -25.32 24.97
CA ALA F 32 -19.55 -25.96 24.96
C ALA F 32 -20.64 -24.91 25.02
N LEU F 33 -20.40 -23.93 25.86
CA LEU F 33 -21.28 -22.80 26.01
C LEU F 33 -21.46 -22.06 24.67
N ARG F 34 -20.36 -21.75 23.99
CA ARG F 34 -20.43 -21.05 22.69
C ARG F 34 -21.30 -21.79 21.71
N GLU F 35 -21.04 -23.09 21.61
CA GLU F 35 -21.73 -24.00 20.68
C GLU F 35 -23.18 -24.12 21.06
N ALA F 36 -23.45 -24.18 22.36
CA ALA F 36 -24.82 -24.29 22.87
C ALA F 36 -25.65 -23.05 22.63
N GLY F 37 -25.03 -21.88 22.79
CA GLY F 37 -25.72 -20.63 22.48
C GLY F 37 -26.13 -20.57 21.02
N ASP F 38 -25.25 -21.00 20.13
CA ASP F 38 -25.55 -21.02 18.70
C ASP F 38 -26.71 -21.92 18.41
N GLU F 39 -26.65 -23.15 18.91
CA GLU F 39 -27.72 -24.11 18.69
C GLU F 39 -29.06 -23.57 19.21
N PHE F 40 -29.07 -23.06 20.44
CA PHE F 40 -30.24 -22.40 21.00
C PHE F 40 -30.83 -21.34 20.13
N GLU F 41 -29.98 -20.52 19.51
CA GLU F 41 -30.43 -19.39 18.70
C GLU F 41 -30.96 -19.82 17.33
N LEU F 42 -30.35 -20.85 16.73
CA LEU F 42 -30.81 -21.43 15.43
C LEU F 42 -32.09 -22.28 15.54
N ARG F 43 -32.34 -22.78 16.74
CA ARG F 43 -33.29 -23.85 16.98
C ARG F 43 -34.54 -23.34 17.73
N TYR F 44 -34.37 -22.34 18.57
CA TYR F 44 -35.48 -21.71 19.30
C TYR F 44 -35.62 -20.22 18.88
N ARG F 45 -35.43 -19.97 17.57
CA ARG F 45 -35.38 -18.59 17.02
C ARG F 45 -36.56 -17.76 17.56
N ARG F 46 -37.78 -18.27 17.37
CA ARG F 46 -39.02 -17.59 17.79
C ARG F 46 -39.11 -17.41 19.31
N ALA F 47 -38.60 -18.37 20.07
CA ALA F 47 -38.57 -18.26 21.52
C ALA F 47 -37.58 -17.18 21.94
N PHE F 48 -36.36 -17.29 21.41
CA PHE F 48 -35.29 -16.31 21.64
C PHE F 48 -35.82 -14.92 21.27
N SER F 49 -36.24 -14.78 20.01
CA SER F 49 -36.82 -13.53 19.50
C SER F 49 -37.86 -12.91 20.45
N ASP F 50 -38.67 -13.75 21.08
CA ASP F 50 -39.61 -13.31 22.13
C ASP F 50 -38.93 -12.73 23.38
N LEU F 51 -37.90 -13.39 23.89
CA LEU F 51 -37.21 -13.00 25.17
C LEU F 51 -36.35 -11.71 25.11
N THR F 52 -35.68 -11.51 23.98
CA THR F 52 -34.83 -10.33 23.77
C THR F 52 -35.63 -9.01 23.79
N SER F 53 -36.85 -9.03 23.25
CA SER F 53 -37.76 -7.85 23.27
C SER F 53 -38.39 -7.48 24.64
N GLN F 54 -38.04 -8.21 25.70
CA GLN F 54 -38.55 -7.96 27.07
C GLN F 54 -37.68 -7.01 27.95
N LEU F 55 -36.60 -6.45 27.40
CA LEU F 55 -35.76 -5.46 28.13
C LEU F 55 -34.89 -4.76 27.12
N HIS F 56 -34.66 -3.46 27.33
CA HIS F 56 -34.02 -2.64 26.29
C HIS F 56 -33.16 -1.59 26.95
N ILE F 57 -31.89 -1.93 27.08
CA ILE F 57 -30.99 -1.30 28.04
C ILE F 57 -30.75 0.22 27.79
N THR F 58 -30.59 1.00 28.87
CA THR F 58 -30.28 2.45 28.76
C THR F 58 -29.28 2.88 29.84
N PRO F 59 -28.70 4.11 29.72
CA PRO F 59 -27.67 4.55 30.70
C PRO F 59 -28.11 4.70 32.16
N GLY F 60 -29.42 4.63 32.43
CA GLY F 60 -29.96 4.69 33.78
C GLY F 60 -30.37 3.37 34.41
N THR F 61 -30.63 2.35 33.58
CA THR F 61 -31.09 1.04 34.08
C THR F 61 -30.08 0.49 35.08
N ALA F 62 -30.55 -0.24 36.09
CA ALA F 62 -29.69 -0.70 37.19
C ALA F 62 -29.99 -2.16 37.51
N TYR F 63 -29.17 -2.73 38.41
CA TYR F 63 -29.10 -4.19 38.55
C TYR F 63 -30.48 -4.81 38.79
N GLN F 64 -31.26 -4.18 39.67
CA GLN F 64 -32.63 -4.62 40.04
C GLN F 64 -33.52 -4.99 38.83
N SER F 65 -33.51 -4.13 37.79
CA SER F 65 -34.34 -4.28 36.58
C SER F 65 -33.94 -5.52 35.79
N PHE F 66 -32.63 -5.64 35.52
CA PHE F 66 -32.07 -6.86 34.90
C PHE F 66 -32.44 -8.05 35.75
N GLU F 67 -32.00 -8.00 37.02
CA GLU F 67 -32.20 -9.08 38.02
C GLU F 67 -33.62 -9.59 37.99
N GLN F 68 -34.57 -8.66 37.82
CA GLN F 68 -36.00 -8.99 37.76
C GLN F 68 -36.33 -9.83 36.54
N VAL F 69 -35.98 -9.35 35.34
CA VAL F 69 -36.35 -10.09 34.10
C VAL F 69 -35.71 -11.52 34.01
N VAL F 70 -34.61 -11.72 34.75
CA VAL F 70 -33.91 -13.03 34.78
C VAL F 70 -34.46 -13.94 35.88
N ASN F 71 -34.80 -13.37 37.05
CA ASN F 71 -35.57 -14.14 38.05
C ASN F 71 -36.82 -14.74 37.40
N GLU F 72 -37.40 -13.99 36.45
CA GLU F 72 -38.53 -14.48 35.66
C GLU F 72 -38.14 -15.66 34.80
N LEU F 73 -37.07 -15.55 34.02
CA LEU F 73 -36.65 -16.67 33.14
C LEU F 73 -36.57 -18.06 33.85
N PHE F 74 -36.18 -18.05 35.14
CA PHE F 74 -36.11 -19.27 35.97
C PHE F 74 -37.30 -19.41 36.97
N ARG F 75 -38.53 -19.16 36.50
CA ARG F 75 -39.73 -19.34 37.32
C ARG F 75 -39.95 -20.84 37.48
N ASP F 76 -40.31 -21.50 36.38
CA ASP F 76 -40.61 -22.95 36.35
C ASP F 76 -39.44 -23.92 36.69
N GLY F 77 -38.30 -23.37 37.18
CA GLY F 77 -37.15 -24.17 37.65
C GLY F 77 -35.88 -23.92 36.82
N VAL F 78 -34.74 -23.86 37.52
CA VAL F 78 -33.41 -23.66 36.90
C VAL F 78 -32.88 -24.96 36.27
N ASN F 79 -32.50 -24.92 34.98
CA ASN F 79 -31.81 -26.06 34.33
C ASN F 79 -30.70 -25.56 33.36
N TRP F 80 -29.92 -26.50 32.81
CA TRP F 80 -28.75 -26.17 31.97
C TRP F 80 -29.16 -25.40 30.73
N GLY F 81 -30.05 -25.99 29.92
CA GLY F 81 -30.59 -25.37 28.70
C GLY F 81 -31.12 -23.94 28.83
N ARG F 82 -31.59 -23.61 30.04
CA ARG F 82 -32.06 -22.27 30.34
C ARG F 82 -30.95 -21.38 30.88
N ILE F 83 -29.90 -21.94 31.46
CA ILE F 83 -28.68 -21.13 31.73
C ILE F 83 -28.04 -20.65 30.41
N VAL F 84 -28.03 -21.52 29.40
CA VAL F 84 -27.65 -21.16 28.07
C VAL F 84 -28.43 -19.94 27.61
N ALA F 85 -29.75 -19.97 27.77
CA ALA F 85 -30.58 -18.85 27.31
C ALA F 85 -30.34 -17.58 28.10
N PHE F 86 -29.98 -17.73 29.36
CA PHE F 86 -29.51 -16.59 30.19
C PHE F 86 -28.22 -15.97 29.66
N PHE F 87 -27.31 -16.82 29.18
CA PHE F 87 -26.12 -16.37 28.44
C PHE F 87 -26.49 -15.69 27.11
N SER F 88 -27.29 -16.35 26.27
CA SER F 88 -27.62 -15.80 24.96
C SER F 88 -28.41 -14.52 25.05
N PHE F 89 -29.14 -14.36 26.16
CA PHE F 89 -29.90 -13.17 26.44
C PHE F 89 -28.90 -12.04 26.61
N GLY F 90 -28.07 -12.15 27.63
CA GLY F 90 -27.03 -11.14 27.92
C GLY F 90 -26.15 -10.75 26.74
N GLY F 91 -25.93 -11.69 25.82
CA GLY F 91 -25.25 -11.41 24.57
C GLY F 91 -26.06 -10.51 23.67
N ALA F 92 -27.34 -10.85 23.50
CA ALA F 92 -28.29 -10.03 22.73
C ALA F 92 -28.41 -8.59 23.25
N LEU F 93 -28.38 -8.42 24.57
CA LEU F 93 -28.40 -7.10 25.19
C LEU F 93 -27.10 -6.35 24.99
N CYS F 94 -26.00 -7.10 24.89
CA CYS F 94 -24.68 -6.52 24.56
C CYS F 94 -24.59 -6.08 23.11
N VAL F 95 -25.09 -6.91 22.18
CA VAL F 95 -25.09 -6.52 20.76
C VAL F 95 -25.94 -5.26 20.61
N GLU F 96 -27.20 -5.34 21.04
CA GLU F 96 -28.12 -4.20 21.05
C GLU F 96 -27.43 -2.94 21.54
N SER F 97 -26.71 -3.02 22.65
CA SER F 97 -26.05 -1.82 23.17
C SER F 97 -25.05 -1.19 22.18
N VAL F 98 -24.35 -2.05 21.43
CA VAL F 98 -23.36 -1.60 20.47
C VAL F 98 -24.04 -1.16 19.16
N ASP F 99 -25.13 -1.80 18.76
CA ASP F 99 -25.94 -1.35 17.58
C ASP F 99 -26.38 0.15 17.65
N LYS F 100 -26.76 0.60 18.84
CA LYS F 100 -27.15 1.99 19.09
C LYS F 100 -26.00 2.79 19.70
N GLU F 101 -24.78 2.34 19.36
CA GLU F 101 -23.55 3.05 19.64
C GLU F 101 -23.35 3.43 21.08
N MET F 102 -23.78 2.53 21.97
CA MET F 102 -23.58 2.68 23.41
C MET F 102 -22.79 1.50 23.97
N GLN F 103 -21.55 1.38 23.49
CA GLN F 103 -20.60 0.32 23.90
C GLN F 103 -20.37 0.34 25.42
N VAL F 104 -20.29 1.52 26.04
CA VAL F 104 -20.04 1.66 27.51
C VAL F 104 -20.97 0.82 28.44
N LEU F 105 -22.15 0.49 27.92
CA LEU F 105 -23.08 -0.38 28.60
C LEU F 105 -22.61 -1.83 28.76
N VAL F 106 -21.71 -2.28 27.88
CA VAL F 106 -21.35 -3.70 27.79
C VAL F 106 -20.74 -4.21 29.10
N SER F 107 -19.81 -3.45 29.69
CA SER F 107 -19.12 -3.91 30.92
C SER F 107 -19.98 -3.83 32.19
N ARG F 108 -21.09 -3.07 32.16
CA ARG F 108 -22.13 -3.11 33.23
C ARG F 108 -22.86 -4.45 33.19
N ILE F 109 -23.32 -4.83 31.98
CA ILE F 109 -24.13 -6.07 31.76
C ILE F 109 -23.39 -7.35 32.15
N ALA F 110 -22.11 -7.41 31.79
CA ALA F 110 -21.27 -8.55 32.17
C ALA F 110 -21.14 -8.64 33.69
N ALA F 111 -20.97 -7.49 34.34
CA ALA F 111 -20.96 -7.46 35.82
C ALA F 111 -22.33 -7.88 36.45
N TRP F 112 -23.46 -7.52 35.81
CA TRP F 112 -24.77 -8.05 36.24
C TRP F 112 -24.87 -9.54 36.03
N MET F 113 -24.40 -10.04 34.87
CA MET F 113 -24.48 -11.47 34.58
C MET F 113 -23.64 -12.26 35.59
N ALA F 114 -22.50 -11.69 35.98
CA ALA F 114 -21.60 -12.37 36.91
C ALA F 114 -22.08 -12.27 38.38
N THR F 115 -22.59 -11.09 38.79
CA THR F 115 -23.25 -10.89 40.10
C THR F 115 -24.47 -11.82 40.15
N TYR F 116 -25.24 -11.86 39.07
CA TYR F 116 -26.38 -12.75 39.03
C TYR F 116 -25.97 -14.20 39.25
N LEU F 117 -25.03 -14.70 38.43
CA LEU F 117 -24.57 -16.10 38.48
C LEU F 117 -24.11 -16.52 39.91
N ASN F 118 -23.30 -15.66 40.53
CA ASN F 118 -22.77 -15.96 41.85
C ASN F 118 -23.87 -15.92 42.93
N ASP F 119 -24.72 -14.89 42.87
CA ASP F 119 -25.82 -14.73 43.84
C ASP F 119 -26.86 -15.87 43.75
N HIS F 120 -27.52 -16.01 42.59
CA HIS F 120 -28.68 -16.87 42.43
C HIS F 120 -28.35 -18.29 41.95
N LEU F 121 -27.61 -18.39 40.83
CA LEU F 121 -27.46 -19.65 40.09
C LEU F 121 -26.34 -20.58 40.58
N GLU F 122 -25.30 -20.00 41.19
CA GLU F 122 -24.12 -20.79 41.60
C GLU F 122 -24.50 -21.98 42.51
N PRO F 123 -25.39 -21.78 43.54
CA PRO F 123 -25.94 -22.87 44.36
C PRO F 123 -26.59 -24.05 43.60
N TRP F 124 -27.45 -23.79 42.61
CA TRP F 124 -28.00 -24.88 41.77
C TRP F 124 -26.90 -25.67 41.07
N ILE F 125 -26.05 -24.93 40.34
CA ILE F 125 -24.88 -25.46 39.62
C ILE F 125 -24.04 -26.41 40.48
N GLN F 126 -23.83 -26.05 41.74
CA GLN F 126 -23.09 -26.92 42.66
C GLN F 126 -23.76 -28.27 42.98
N GLU F 127 -25.08 -28.31 43.23
CA GLU F 127 -25.74 -29.62 43.47
C GLU F 127 -25.74 -30.50 42.20
N ASN F 128 -25.80 -29.88 41.02
CA ASN F 128 -25.82 -30.62 39.75
C ASN F 128 -24.42 -31.04 39.22
N GLY F 129 -23.39 -30.78 40.01
CA GLY F 129 -22.05 -31.32 39.76
C GLY F 129 -21.13 -30.37 39.00
N GLY F 130 -21.32 -29.07 39.18
CA GLY F 130 -20.52 -28.04 38.51
C GLY F 130 -20.61 -28.04 36.98
N TRP F 131 -19.86 -27.09 36.39
CA TRP F 131 -19.85 -26.94 34.92
C TRP F 131 -19.35 -28.15 34.14
N ASP F 132 -18.51 -29.03 34.74
CA ASP F 132 -18.01 -30.23 34.00
C ASP F 132 -19.14 -31.18 33.62
N THR F 133 -20.22 -31.17 34.41
CA THR F 133 -21.41 -31.94 34.06
C THR F 133 -21.96 -31.37 32.75
N PHE F 134 -22.07 -30.04 32.66
CA PHE F 134 -22.51 -29.32 31.42
C PHE F 134 -21.79 -29.78 30.16
N VAL F 135 -20.47 -29.92 30.29
CA VAL F 135 -19.60 -30.31 29.17
C VAL F 135 -19.92 -31.73 28.69
N GLU F 136 -20.06 -32.68 29.62
CA GLU F 136 -20.41 -34.06 29.26
C GLU F 136 -21.89 -34.22 28.81
N LEU F 137 -22.79 -33.37 29.30
CA LEU F 137 -24.16 -33.35 28.79
C LEU F 137 -24.21 -32.87 27.33
N TYR F 138 -23.47 -31.81 27.01
CA TYR F 138 -23.43 -31.31 25.64
C TYR F 138 -22.74 -32.31 24.70
N GLU G 1 13.19 -14.41 -19.84
CA GLU G 1 13.15 -14.54 -18.34
C GLU G 1 11.67 -14.66 -17.91
N ASN G 2 10.90 -13.59 -18.14
CA ASN G 2 9.43 -13.64 -18.00
C ASN G 2 8.77 -14.51 -19.09
N SER G 3 9.34 -14.54 -20.29
CA SER G 3 8.90 -15.45 -21.35
C SER G 3 9.08 -16.98 -21.04
N LEU G 4 10.27 -17.38 -20.56
CA LEU G 4 10.52 -18.78 -20.14
C LEU G 4 9.65 -19.18 -18.95
N GLU G 5 9.37 -18.23 -18.06
CA GLU G 5 8.47 -18.53 -16.91
C GLU G 5 7.02 -18.81 -17.36
N ILE G 6 6.56 -18.04 -18.34
CA ILE G 6 5.22 -18.18 -18.92
C ILE G 6 5.09 -19.50 -19.65
N GLU G 7 6.14 -19.87 -20.36
CA GLU G 7 6.17 -21.14 -21.07
C GLU G 7 6.07 -22.36 -20.12
N GLU G 8 6.78 -22.33 -19.01
CA GLU G 8 6.69 -23.40 -18.02
C GLU G 8 5.31 -23.44 -17.33
N LEU G 9 4.72 -22.29 -17.03
CA LEU G 9 3.32 -22.23 -16.56
C LEU G 9 2.35 -22.83 -17.57
N ALA G 10 2.54 -22.52 -18.86
CA ALA G 10 1.65 -23.07 -19.91
C ALA G 10 1.79 -24.56 -20.00
N ARG G 11 3.03 -25.08 -19.93
CA ARG G 11 3.27 -26.53 -19.92
C ARG G 11 2.69 -27.22 -18.68
N PHE G 12 2.77 -26.56 -17.54
CA PHE G 12 2.19 -27.07 -16.30
C PHE G 12 0.69 -27.20 -16.50
N ALA G 13 0.07 -26.14 -17.02
CA ALA G 13 -1.35 -26.18 -17.30
C ALA G 13 -1.73 -27.42 -18.12
N VAL G 14 -1.06 -27.61 -19.25
CA VAL G 14 -1.34 -28.75 -20.09
C VAL G 14 -1.06 -30.07 -19.36
N ASP G 15 0.08 -30.23 -18.69
CA ASP G 15 0.36 -31.50 -17.93
C ASP G 15 -0.68 -31.73 -16.85
N GLU G 16 -1.04 -30.65 -16.17
CA GLU G 16 -2.02 -30.69 -15.10
C GLU G 16 -3.38 -31.10 -15.64
N HIS G 17 -3.82 -30.47 -16.73
CA HIS G 17 -5.10 -30.84 -17.37
C HIS G 17 -5.15 -32.30 -17.83
N ASN G 18 -4.02 -32.84 -18.27
CA ASN G 18 -3.99 -34.22 -18.74
C ASN G 18 -4.37 -35.25 -17.67
N LYS G 19 -3.92 -35.06 -16.43
CA LYS G 19 -4.24 -36.03 -15.35
C LYS G 19 -5.67 -35.87 -14.80
N LYS G 20 -6.12 -34.63 -14.60
CA LYS G 20 -7.51 -34.39 -14.19
C LYS G 20 -8.58 -34.87 -15.18
N GLU G 21 -8.29 -34.91 -16.47
CA GLU G 21 -9.26 -35.36 -17.49
C GLU G 21 -8.90 -36.71 -18.12
N ASN G 22 -7.87 -37.36 -17.60
CA ASN G 22 -7.23 -38.50 -18.25
C ASN G 22 -7.07 -38.34 -19.79
N ALA G 23 -6.82 -37.10 -20.28
CA ALA G 23 -6.59 -36.81 -21.73
C ALA G 23 -5.07 -36.78 -21.97
N LEU G 24 -4.64 -36.47 -23.21
CA LEU G 24 -3.20 -36.41 -23.51
C LEU G 24 -2.85 -35.38 -24.59
N LEU G 25 -3.21 -34.13 -24.36
CA LEU G 25 -2.81 -33.05 -25.27
C LEU G 25 -1.29 -32.86 -25.31
N GLU G 26 -0.80 -32.48 -26.48
CA GLU G 26 0.61 -32.25 -26.66
C GLU G 26 0.76 -30.78 -26.88
N PHE G 27 1.46 -30.16 -25.93
CA PHE G 27 1.67 -28.75 -25.90
C PHE G 27 2.47 -28.39 -27.14
N VAL G 28 2.20 -27.24 -27.75
CA VAL G 28 3.05 -26.68 -28.81
C VAL G 28 3.75 -25.34 -28.40
N ARG G 29 2.94 -24.32 -28.12
CA ARG G 29 3.49 -23.03 -27.73
C ARG G 29 2.44 -22.11 -27.12
N VAL G 30 2.92 -21.00 -26.56
CA VAL G 30 2.08 -20.00 -25.93
C VAL G 30 1.76 -18.93 -26.96
N VAL G 31 0.48 -18.63 -27.18
CA VAL G 31 0.09 -17.56 -28.11
C VAL G 31 0.19 -16.27 -27.35
N LYS G 32 -0.67 -16.07 -26.35
CA LYS G 32 -0.64 -14.82 -25.55
C LYS G 32 -0.77 -15.07 -24.03
N ALA G 33 -0.37 -14.05 -23.27
CA ALA G 33 -0.30 -14.14 -21.82
C ALA G 33 -0.57 -12.79 -21.19
N LYS G 34 -1.33 -12.81 -20.11
CA LYS G 34 -1.54 -11.62 -19.30
C LYS G 34 -1.57 -12.01 -17.82
N GLU G 35 -1.13 -11.12 -16.96
CA GLU G 35 -1.10 -11.37 -15.53
C GLU G 35 -1.59 -10.16 -14.68
N GLN G 36 -2.31 -10.42 -13.58
CA GLN G 36 -2.41 -9.41 -12.46
C GLN G 36 -2.06 -9.93 -11.03
N MET G 37 -1.63 -8.99 -10.19
CA MET G 37 -1.25 -9.23 -8.79
C MET G 37 -2.41 -9.17 -7.78
N PHE G 38 -2.76 -10.31 -7.18
CA PHE G 38 -3.54 -10.40 -5.95
C PHE G 38 -2.66 -10.18 -4.66
N SER G 39 -3.31 -9.88 -3.55
CA SER G 39 -2.68 -9.76 -2.26
C SER G 39 -3.37 -10.69 -1.29
N TRP G 40 -2.59 -11.33 -0.43
CA TRP G 40 -3.13 -11.93 0.77
C TRP G 40 -2.24 -11.42 1.89
N LEU G 41 -2.83 -10.64 2.80
CA LEU G 41 -2.14 -9.91 3.86
C LEU G 41 -1.08 -9.10 3.15
N ASP G 42 0.20 -9.30 3.44
CA ASP G 42 1.27 -8.51 2.82
C ASP G 42 2.08 -9.38 1.88
N TRP G 43 1.47 -10.45 1.36
CA TRP G 43 2.10 -11.33 0.36
C TRP G 43 1.49 -11.09 -1.02
N GLU G 44 2.30 -11.29 -2.06
CA GLU G 44 1.90 -11.11 -3.43
C GLU G 44 1.70 -12.44 -4.12
N GLU G 45 0.52 -12.61 -4.68
CA GLU G 45 0.12 -13.73 -5.51
C GLU G 45 -0.05 -13.22 -6.94
N THR G 46 -0.01 -14.12 -7.91
CA THR G 46 -0.27 -13.74 -9.30
C THR G 46 -1.19 -14.70 -9.95
N MET G 47 -2.09 -14.17 -10.78
CA MET G 47 -2.96 -14.99 -11.61
C MET G 47 -2.54 -14.78 -13.05
N TYR G 48 -2.34 -15.87 -13.78
CA TYR G 48 -1.89 -15.82 -15.19
C TYR G 48 -3.05 -16.26 -16.06
N TYR G 49 -3.29 -15.51 -17.12
CA TYR G 49 -4.33 -15.86 -18.10
C TYR G 49 -3.58 -16.18 -19.37
N LEU G 50 -3.61 -17.43 -19.76
CA LEU G 50 -2.73 -17.86 -20.86
C LEU G 50 -3.60 -18.40 -21.97
N THR G 51 -3.24 -18.08 -23.20
CA THR G 51 -3.79 -18.74 -24.37
C THR G 51 -2.70 -19.60 -24.96
N LEU G 52 -2.96 -20.88 -25.16
CA LEU G 52 -1.93 -21.79 -25.68
C LEU G 52 -2.44 -22.68 -26.81
N GLU G 53 -1.50 -23.21 -27.61
CA GLU G 53 -1.80 -24.19 -28.66
C GLU G 53 -1.37 -25.57 -28.23
N ALA G 54 -2.25 -26.55 -28.38
CA ALA G 54 -1.87 -27.94 -28.14
C ALA G 54 -2.58 -28.92 -29.11
N LYS G 55 -1.90 -30.03 -29.41
CA LYS G 55 -2.37 -31.02 -30.38
C LYS G 55 -3.24 -32.02 -29.61
N ASP G 56 -4.50 -32.20 -30.03
CA ASP G 56 -5.40 -33.26 -29.53
C ASP G 56 -5.41 -34.43 -30.54
N GLY G 57 -4.58 -35.45 -30.29
CA GLY G 57 -4.34 -36.51 -31.26
C GLY G 57 -4.07 -35.92 -32.64
N GLY G 58 -3.04 -35.09 -32.74
CA GLY G 58 -2.63 -34.47 -34.00
C GLY G 58 -3.33 -33.21 -34.53
N LYS G 59 -4.45 -32.78 -33.92
CA LYS G 59 -5.13 -31.55 -34.37
C LYS G 59 -4.76 -30.35 -33.50
N LYS G 60 -4.24 -29.29 -34.10
CA LYS G 60 -3.81 -28.10 -33.34
C LYS G 60 -5.02 -27.31 -32.92
N LYS G 61 -5.34 -27.35 -31.63
CA LYS G 61 -6.43 -26.56 -31.08
C LYS G 61 -5.87 -25.51 -30.12
N LEU G 62 -6.52 -24.34 -30.07
CA LEU G 62 -6.29 -23.33 -29.02
C LEU G 62 -7.02 -23.66 -27.70
N TYR G 63 -6.43 -23.22 -26.58
CA TYR G 63 -6.98 -23.44 -25.26
C TYR G 63 -6.71 -22.22 -24.40
N GLU G 64 -7.61 -21.89 -23.49
CA GLU G 64 -7.36 -20.79 -22.51
C GLU G 64 -7.16 -21.40 -21.14
N ALA G 65 -6.20 -20.87 -20.41
CA ALA G 65 -5.89 -21.42 -19.08
C ALA G 65 -5.62 -20.35 -18.08
N LYS G 66 -5.97 -20.67 -16.84
CA LYS G 66 -5.80 -19.78 -15.70
C LYS G 66 -4.97 -20.52 -14.67
N VAL G 67 -3.85 -19.92 -14.30
CA VAL G 67 -2.90 -20.56 -13.38
C VAL G 67 -2.68 -19.61 -12.24
N TRP G 68 -2.89 -20.08 -11.03
CA TRP G 68 -2.70 -19.26 -9.83
C TRP G 68 -1.36 -19.63 -9.21
N VAL G 69 -0.50 -18.64 -9.05
CA VAL G 69 0.82 -18.84 -8.45
C VAL G 69 0.90 -18.11 -7.08
N LYS G 70 1.32 -18.84 -6.05
CA LYS G 70 1.47 -18.32 -4.68
C LYS G 70 2.96 -18.40 -4.29
N PRO G 71 3.47 -17.39 -3.56
CA PRO G 71 4.88 -17.38 -3.15
C PRO G 71 5.23 -18.54 -2.18
N ALA G 72 6.42 -19.07 -2.37
CA ALA G 72 6.94 -20.12 -1.53
C ALA G 72 7.10 -19.64 -0.11
N LEU G 73 6.97 -20.58 0.81
CA LEU G 73 7.16 -20.28 2.21
C LEU G 73 8.59 -20.70 2.60
N LEU G 74 8.84 -21.96 2.90
CA LEU G 74 10.24 -22.42 2.95
C LEU G 74 10.75 -22.55 1.53
N TRP G 75 12.04 -22.31 1.33
CA TRP G 75 12.67 -22.62 0.03
C TRP G 75 12.39 -24.07 -0.37
N SER G 76 12.10 -24.27 -1.63
CA SER G 76 11.85 -25.59 -2.23
C SER G 76 12.64 -25.55 -3.54
N PRO G 77 13.12 -26.73 -4.04
CA PRO G 77 13.62 -26.80 -5.41
C PRO G 77 12.51 -26.56 -6.44
N HIS G 78 11.25 -26.84 -6.06
CA HIS G 78 10.06 -26.64 -6.95
C HIS G 78 9.59 -25.19 -7.12
N GLY G 79 10.23 -24.23 -6.45
CA GLY G 79 10.01 -22.79 -6.66
C GLY G 79 8.76 -22.36 -5.91
N ASN G 80 7.86 -21.65 -6.59
CA ASN G 80 6.59 -21.17 -6.03
C ASN G 80 5.49 -22.19 -6.29
N PHE G 81 4.34 -22.07 -5.66
CA PHE G 81 3.26 -23.02 -5.85
C PHE G 81 2.33 -22.65 -6.99
N LYS G 82 1.88 -23.61 -7.78
CA LYS G 82 1.09 -23.34 -9.00
C LYS G 82 -0.16 -24.16 -8.96
N GLU G 83 -1.26 -23.60 -9.42
CA GLU G 83 -2.53 -24.30 -9.32
C GLU G 83 -3.37 -23.93 -10.55
N LEU G 84 -3.87 -24.95 -11.25
CA LEU G 84 -4.65 -24.72 -12.44
C LEU G 84 -6.11 -24.42 -12.05
N GLN G 85 -6.51 -23.17 -12.13
CA GLN G 85 -7.93 -22.79 -11.89
C GLN G 85 -8.89 -23.32 -12.96
N GLU G 86 -8.73 -22.93 -14.22
CA GLU G 86 -9.50 -23.52 -15.33
C GLU G 86 -8.60 -23.84 -16.53
N PHE G 87 -9.04 -24.84 -17.32
CA PHE G 87 -8.47 -25.21 -18.64
C PHE G 87 -9.61 -25.54 -19.59
N LYS G 88 -9.85 -24.71 -20.61
CA LYS G 88 -11.00 -24.90 -21.54
C LYS G 88 -10.57 -24.67 -23.01
N PRO G 89 -11.25 -25.33 -23.98
CA PRO G 89 -11.11 -24.87 -25.39
C PRO G 89 -11.65 -23.45 -25.56
N VAL G 90 -11.08 -22.66 -26.46
CA VAL G 90 -11.54 -21.25 -26.63
C VAL G 90 -12.95 -21.15 -27.24
N SER H 1 -53.67 -40.31 19.61
CA SER H 1 -54.56 -40.43 18.41
C SER H 1 -55.50 -39.23 18.22
N LEU H 2 -55.86 -38.56 19.33
CA LEU H 2 -56.49 -37.23 19.27
C LEU H 2 -55.42 -36.13 19.07
N GLU H 3 -54.30 -36.23 19.80
CA GLU H 3 -53.16 -35.31 19.64
C GLU H 3 -52.56 -35.41 18.22
N ILE H 4 -52.54 -36.62 17.65
CA ILE H 4 -51.97 -36.87 16.30
C ILE H 4 -52.74 -36.12 15.22
N GLU H 5 -54.06 -36.24 15.24
CA GLU H 5 -54.89 -35.57 14.24
C GLU H 5 -54.74 -34.05 14.30
N GLU H 6 -54.55 -33.53 15.52
CA GLU H 6 -54.27 -32.10 15.76
C GLU H 6 -52.98 -31.68 15.04
N LEU H 7 -51.90 -32.43 15.29
CA LEU H 7 -50.57 -32.18 14.66
C LEU H 7 -50.58 -32.19 13.12
N ALA H 8 -51.41 -33.06 12.54
CA ALA H 8 -51.58 -33.12 11.10
C ALA H 8 -52.23 -31.86 10.58
N ARG H 9 -53.28 -31.42 11.26
CA ARG H 9 -54.03 -30.22 10.87
C ARG H 9 -53.17 -28.97 10.92
N PHE H 10 -52.36 -28.86 11.98
CA PHE H 10 -51.34 -27.82 12.09
C PHE H 10 -50.36 -27.84 10.91
N ALA H 11 -49.86 -29.02 10.57
CA ALA H 11 -48.91 -29.23 9.44
C ALA H 11 -49.43 -28.71 8.08
N VAL H 12 -50.65 -29.08 7.72
CA VAL H 12 -51.27 -28.60 6.50
C VAL H 12 -51.52 -27.08 6.60
N ASP H 13 -52.08 -26.64 7.73
CA ASP H 13 -52.30 -25.21 7.99
C ASP H 13 -51.01 -24.39 7.81
N GLU H 14 -49.93 -24.88 8.41
CA GLU H 14 -48.64 -24.19 8.38
C GLU H 14 -48.02 -24.21 6.95
N HIS H 15 -48.12 -25.36 6.27
CA HIS H 15 -47.67 -25.48 4.88
C HIS H 15 -48.31 -24.41 4.01
N ASN H 16 -49.63 -24.27 4.13
CA ASN H 16 -50.42 -23.28 3.39
C ASN H 16 -50.06 -21.81 3.67
N LYS H 17 -49.69 -21.49 4.90
CA LYS H 17 -49.24 -20.14 5.25
C LYS H 17 -47.81 -19.89 4.76
N LYS H 18 -46.98 -20.94 4.78
CA LYS H 18 -45.56 -20.83 4.41
C LYS H 18 -45.33 -20.77 2.89
N GLU H 19 -46.05 -21.60 2.14
CA GLU H 19 -45.90 -21.70 0.67
C GLU H 19 -47.12 -21.19 -0.11
N ASN H 20 -47.91 -20.31 0.52
CA ASN H 20 -49.15 -19.72 -0.04
C ASN H 20 -50.08 -20.70 -0.78
N ALA H 21 -50.31 -21.86 -0.18
CA ALA H 21 -51.10 -22.93 -0.81
C ALA H 21 -52.53 -22.95 -0.25
N LEU H 22 -53.37 -23.81 -0.82
CA LEU H 22 -54.72 -24.05 -0.32
C LEU H 22 -55.07 -25.56 -0.31
N LEU H 23 -54.20 -26.36 0.30
CA LEU H 23 -54.47 -27.78 0.53
C LEU H 23 -55.51 -27.95 1.64
N GLU H 24 -56.43 -28.91 1.47
CA GLU H 24 -57.48 -29.24 2.44
C GLU H 24 -57.19 -30.63 3.07
N PHE H 25 -57.21 -30.72 4.40
CA PHE H 25 -56.86 -31.94 5.14
C PHE H 25 -58.02 -32.95 5.16
N VAL H 26 -57.72 -34.23 4.92
CA VAL H 26 -58.74 -35.31 4.91
C VAL H 26 -58.62 -36.26 6.12
N ARG H 27 -57.42 -36.76 6.40
CA ARG H 27 -57.24 -37.78 7.45
C ARG H 27 -55.78 -38.18 7.63
N VAL H 28 -55.41 -38.55 8.85
CA VAL H 28 -54.07 -39.09 9.13
C VAL H 28 -54.02 -40.56 8.68
N VAL H 29 -53.00 -40.90 7.89
CA VAL H 29 -52.78 -42.28 7.39
C VAL H 29 -51.82 -43.01 8.36
N LYS H 30 -50.58 -42.53 8.50
CA LYS H 30 -49.56 -43.15 9.37
C LYS H 30 -49.12 -42.21 10.50
N ALA H 31 -48.45 -42.75 11.53
CA ALA H 31 -47.93 -41.92 12.65
C ALA H 31 -46.78 -42.56 13.47
N LYS H 32 -45.56 -42.01 13.33
CA LYS H 32 -44.39 -42.36 14.17
C LYS H 32 -43.93 -41.19 15.05
N GLU H 33 -43.74 -41.47 16.34
CA GLU H 33 -43.39 -40.50 17.37
C GLU H 33 -42.03 -40.92 17.98
N GLN H 34 -41.03 -40.03 17.95
CA GLN H 34 -39.64 -40.30 18.44
C GLN H 34 -39.11 -39.22 19.37
N MET H 35 -38.46 -39.66 20.45
CA MET H 35 -37.82 -38.76 21.41
C MET H 35 -36.45 -38.31 20.90
N PHE H 36 -36.02 -37.14 21.39
CA PHE H 36 -34.68 -36.58 21.23
C PHE H 36 -34.50 -35.65 22.42
N SER H 37 -33.26 -35.45 22.88
CA SER H 37 -32.99 -34.44 23.93
C SER H 37 -32.00 -33.36 23.45
N TRP H 38 -32.28 -32.09 23.75
CA TRP H 38 -31.32 -30.99 23.50
C TRP H 38 -30.82 -30.49 24.84
N LEU H 39 -29.56 -30.76 25.16
CA LEU H 39 -29.08 -30.69 26.54
C LEU H 39 -30.07 -31.47 27.45
N ASP H 40 -30.74 -30.77 28.37
CA ASP H 40 -31.62 -31.43 29.35
C ASP H 40 -33.07 -31.06 29.13
N TRP H 41 -33.38 -30.45 27.99
CA TRP H 41 -34.77 -30.35 27.53
C TRP H 41 -35.15 -31.57 26.73
N GLU H 42 -36.46 -31.80 26.67
CA GLU H 42 -37.00 -32.95 25.97
C GLU H 42 -37.86 -32.42 24.86
N GLU H 43 -37.71 -33.06 23.71
CA GLU H 43 -38.43 -32.66 22.53
C GLU H 43 -39.07 -33.91 21.95
N THR H 44 -40.03 -33.72 21.05
CA THR H 44 -40.65 -34.84 20.33
C THR H 44 -40.86 -34.51 18.85
N MET H 45 -40.55 -35.48 18.01
CA MET H 45 -40.61 -35.35 16.56
C MET H 45 -41.61 -36.36 15.96
N TYR H 46 -42.52 -35.89 15.10
CA TYR H 46 -43.61 -36.71 14.57
C TYR H 46 -43.50 -36.91 13.06
N TYR H 47 -43.33 -38.17 12.64
CA TYR H 47 -43.36 -38.52 11.21
C TYR H 47 -44.76 -38.95 10.82
N LEU H 48 -45.47 -38.05 10.13
CA LEU H 48 -46.83 -38.27 9.66
C LEU H 48 -46.83 -38.52 8.15
N THR H 49 -47.63 -39.49 7.72
CA THR H 49 -48.07 -39.60 6.32
C THR H 49 -49.57 -39.31 6.33
N LEU H 50 -50.02 -38.39 5.46
CA LEU H 50 -51.42 -37.91 5.48
C LEU H 50 -51.99 -37.65 4.08
N GLU H 51 -53.33 -37.62 3.97
CA GLU H 51 -54.03 -37.27 2.73
C GLU H 51 -54.51 -35.81 2.77
N ALA H 52 -54.36 -35.11 1.66
CA ALA H 52 -54.85 -33.74 1.53
C ALA H 52 -55.18 -33.40 0.09
N LYS H 53 -56.26 -32.64 -0.10
CA LYS H 53 -56.81 -32.38 -1.44
C LYS H 53 -56.15 -31.17 -2.13
N ASP H 54 -55.44 -31.42 -3.23
CA ASP H 54 -54.85 -30.37 -4.07
C ASP H 54 -55.78 -30.09 -5.28
N GLY H 55 -56.41 -28.93 -5.33
CA GLY H 55 -57.34 -28.57 -6.40
C GLY H 55 -58.47 -29.54 -6.72
N GLY H 56 -58.85 -30.39 -5.76
CA GLY H 56 -59.91 -31.40 -5.94
C GLY H 56 -59.54 -32.86 -5.72
N LYS H 57 -58.27 -33.22 -5.92
CA LYS H 57 -57.83 -34.64 -5.95
C LYS H 57 -56.94 -35.04 -4.76
N LYS H 58 -57.34 -36.14 -4.08
CA LYS H 58 -56.57 -36.68 -2.94
C LYS H 58 -55.13 -36.97 -3.31
N LYS H 59 -54.22 -36.52 -2.46
CA LYS H 59 -52.82 -36.87 -2.56
C LYS H 59 -52.30 -37.25 -1.18
N LEU H 60 -51.23 -38.05 -1.17
CA LEU H 60 -50.51 -38.41 0.06
C LEU H 60 -49.29 -37.49 0.22
N TYR H 61 -49.05 -37.06 1.45
CA TYR H 61 -47.88 -36.23 1.81
C TYR H 61 -47.18 -36.83 3.05
N GLU H 62 -45.90 -36.53 3.21
CA GLU H 62 -45.19 -36.78 4.47
C GLU H 62 -44.91 -35.43 5.12
N ALA H 63 -45.05 -35.38 6.44
CA ALA H 63 -44.76 -34.16 7.19
C ALA H 63 -43.96 -34.50 8.43
N LYS H 64 -43.29 -33.49 8.95
CA LYS H 64 -42.29 -33.63 9.99
C LYS H 64 -42.53 -32.48 10.94
N VAL H 65 -43.04 -32.81 12.13
CA VAL H 65 -43.49 -31.79 13.10
C VAL H 65 -42.76 -32.01 14.43
N TRP H 66 -42.22 -30.93 14.97
CA TRP H 66 -41.54 -30.94 16.26
C TRP H 66 -42.52 -30.48 17.30
N VAL H 67 -42.30 -30.89 18.54
CA VAL H 67 -42.96 -30.25 19.67
C VAL H 67 -41.90 -30.02 20.72
N LYS H 68 -41.72 -28.76 21.06
CA LYS H 68 -40.71 -28.38 22.01
C LYS H 68 -41.18 -27.36 23.01
N PRO H 69 -40.59 -27.39 24.19
CA PRO H 69 -40.81 -26.61 25.40
C PRO H 69 -40.93 -25.10 25.22
N ALA H 70 -41.68 -24.47 26.11
CA ALA H 70 -41.87 -23.02 26.08
C ALA H 70 -40.81 -22.40 26.98
N LEU H 71 -40.56 -21.10 26.80
CA LEU H 71 -39.56 -20.44 27.60
C LEU H 71 -40.11 -19.59 28.71
N LEU H 72 -40.98 -18.66 28.38
CA LEU H 72 -41.52 -17.83 29.45
C LEU H 72 -42.98 -18.09 29.79
N TRP H 73 -43.29 -17.79 31.04
CA TRP H 73 -44.64 -17.90 31.69
C TRP H 73 -45.37 -19.26 31.63
N SER H 74 -45.95 -19.66 30.49
CA SER H 74 -46.71 -20.91 30.39
C SER H 74 -45.92 -22.10 31.04
N PRO H 75 -46.45 -22.66 32.15
CA PRO H 75 -45.59 -23.26 33.21
C PRO H 75 -44.75 -24.46 32.75
N HIS H 76 -45.42 -25.45 32.14
CA HIS H 76 -44.77 -26.59 31.50
C HIS H 76 -45.43 -26.80 30.11
N GLY H 77 -45.54 -25.71 29.35
CA GLY H 77 -46.23 -25.70 28.05
C GLY H 77 -45.36 -25.96 26.83
N ASN H 78 -46.01 -26.19 25.68
CA ASN H 78 -45.34 -26.48 24.40
C ASN H 78 -45.69 -25.46 23.28
N PHE H 79 -44.96 -25.58 22.18
CA PHE H 79 -45.35 -25.04 20.89
C PHE H 79 -44.94 -26.03 19.80
N LYS H 80 -45.49 -25.85 18.61
CA LYS H 80 -45.33 -26.82 17.53
C LYS H 80 -44.62 -26.15 16.36
N GLU H 81 -43.85 -26.95 15.64
CA GLU H 81 -42.96 -26.45 14.60
C GLU H 81 -42.88 -27.38 13.40
N LEU H 82 -43.43 -26.92 12.28
CA LEU H 82 -43.31 -27.63 11.01
C LEU H 82 -41.87 -27.56 10.50
N GLN H 83 -41.18 -28.70 10.41
CA GLN H 83 -39.80 -28.73 9.87
C GLN H 83 -39.78 -29.01 8.35
N GLU H 84 -40.56 -30.00 7.91
CA GLU H 84 -40.62 -30.43 6.49
C GLU H 84 -42.05 -30.87 6.11
N PHE H 85 -42.39 -30.72 4.84
CA PHE H 85 -43.73 -31.07 4.32
C PHE H 85 -43.67 -31.31 2.80
N LYS H 86 -43.75 -32.57 2.37
CA LYS H 86 -43.58 -32.91 0.94
C LYS H 86 -44.57 -33.98 0.43
N PRO H 87 -44.85 -34.00 -0.90
CA PRO H 87 -45.69 -35.09 -1.46
C PRO H 87 -44.97 -36.46 -1.47
N VAL H 88 -45.71 -37.54 -1.73
CA VAL H 88 -45.14 -38.91 -1.75
C VAL H 88 -45.04 -39.43 -3.18
#